data_6KXE
#
_entry.id   6KXE
#
_cell.length_a   69.426
_cell.length_b   69.426
_cell.length_c   265.465
_cell.angle_alpha   90.000
_cell.angle_beta   90.000
_cell.angle_gamma   120.000
#
_symmetry.space_group_name_H-M   'P 31 2 1'
#
loop_
_entity.id
_entity.type
_entity.pdbx_description
1 polymer Ketosynthase
2 polymer Ketosynthase
3 non-polymer 'PROPANOIC ACID'
4 non-polymer 'ACETATE ION'
5 non-polymer 1,2-ETHANEDIOL
6 non-polymer 'PHOSPHATE ION'
7 water water
#
loop_
_entity_poly.entity_id
_entity_poly.type
_entity_poly.pdbx_seq_one_letter_code
_entity_poly.pdbx_strand_id
1 'polypeptide(L)'
;MSTATARRRVVLTGFGVISSIGTGVEEYTAGLRAGRSGARPITRFDTEGFGQNTACEVPDFEPGRWIHHVPLDDMGRAGQ
YAVAAARMAVDDAGLTEDDLGERQAVITVGTTDGESHDIAVLLEQELAAGDPEAMDPVLARRINAGRLSTVIARELRMPN
VEATTVTTACAAGNYSVGYGLDSIRSGEVDIALCGGADAVCRKAFALFKRFGALTPDVVRPFDKDRQGILTGEGAGILVL
ESLESALARGARIHAEVLGYGLSCDAAHPTAPNRDGIARGIRLALDDAGVEQEEIDFISAHGTGTKANDKTESAAIVDVY
GDAPPRTVAVKSMLGHSMGAASALGAIACGLAIEHGFIPPTINHRETDPDCPLDVVPNRAVEADVRIVQNNSSAFAGNNA
VLILGTYGE
;
A
2 'polypeptide(L)'
;MTTMSTATARPEATLPPGTPVITGWSAVSPYGIGRAEFAAGVRAGAKTAVKADAGLGPLPSSDVCTVPGFDIQEQLGPRG
TAKMDRLTALALVASDGLLLDADGNRAVATDELTGVVLGITMGSLENVTDFLRQSYTNARPFYVDAGRIPFGSLNHAAGA
TAIRHDLKGPNTTVAGGRVSGLLALNYARRLMGQGRATKYLVGSAEEFSAAHAWFEHTATASGDPAPLLGEGCGLFLVEQ
AEAAERPPLAAVLSVETRVDIDDDPGAAVTACARRALRRAGVDAGEVWAAVPCAAPTAAGRAEHEALAALVPADALSRVP
SMELLGDTGAASASFQIAAVLAAAEADADSRGRIALVCAVDRDGAVAVAVLRLIGEQR
;
B
#
# COMPACT_ATOMS: atom_id res chain seq x y z
N ARG A 7 -7.03 -22.17 -15.31
CA ARG A 7 -6.52 -20.84 -14.81
C ARG A 7 -5.01 -20.73 -15.09
N ARG A 8 -4.52 -19.51 -15.25
CA ARG A 8 -3.16 -19.28 -15.79
C ARG A 8 -2.12 -19.59 -14.69
N ARG A 9 -1.03 -20.30 -15.01
CA ARG A 9 0.08 -20.53 -14.06
C ARG A 9 1.05 -19.34 -14.07
N VAL A 10 1.61 -19.07 -12.90
CA VAL A 10 2.45 -17.88 -12.65
C VAL A 10 3.74 -18.38 -12.01
N VAL A 11 4.87 -17.97 -12.54
CA VAL A 11 6.17 -18.49 -12.07
C VAL A 11 7.06 -17.33 -11.66
N LEU A 12 8.03 -17.63 -10.82
CA LEU A 12 9.09 -16.70 -10.36
C LEU A 12 10.34 -16.90 -11.23
N THR A 13 10.74 -15.89 -11.99
CA THR A 13 11.85 -16.02 -12.95
C THR A 13 13.05 -15.21 -12.47
N GLY A 14 12.88 -14.38 -11.46
CA GLY A 14 13.93 -13.42 -11.06
C GLY A 14 13.77 -13.04 -9.60
N PHE A 15 14.86 -12.98 -8.86
CA PHE A 15 14.91 -12.44 -7.48
C PHE A 15 15.96 -11.34 -7.38
N GLY A 16 15.58 -10.24 -6.75
CA GLY A 16 16.47 -9.14 -6.41
C GLY A 16 16.47 -8.91 -4.92
N VAL A 17 17.64 -8.91 -4.30
CA VAL A 17 17.75 -8.91 -2.81
C VAL A 17 18.78 -7.90 -2.38
N ILE A 18 18.34 -6.96 -1.55
CA ILE A 18 19.19 -6.04 -0.75
C ILE A 18 18.79 -6.33 0.69
N SER A 19 19.64 -6.99 1.47
CA SER A 19 19.35 -7.46 2.83
C SER A 19 20.55 -7.28 3.76
N SER A 20 20.28 -7.35 5.05
CA SER A 20 21.27 -7.30 6.15
C SER A 20 22.16 -8.56 6.14
N ILE A 21 21.80 -9.63 5.42
CA ILE A 21 22.65 -10.86 5.40
C ILE A 21 23.21 -11.15 4.01
N GLY A 22 23.08 -10.22 3.07
CA GLY A 22 23.49 -10.49 1.69
C GLY A 22 22.78 -9.65 0.66
N THR A 23 23.54 -9.24 -0.33
CA THR A 23 23.04 -8.51 -1.53
C THR A 23 23.20 -9.40 -2.73
N GLY A 24 22.16 -9.55 -3.53
CA GLY A 24 22.19 -10.53 -4.62
C GLY A 24 21.77 -11.91 -4.17
N VAL A 25 21.24 -12.67 -5.14
CA VAL A 25 20.67 -14.01 -4.90
C VAL A 25 21.75 -14.89 -4.29
N GLU A 26 22.94 -14.91 -4.83
CA GLU A 26 23.98 -15.87 -4.37
C GLU A 26 24.34 -15.59 -2.89
N GLU A 27 24.58 -14.33 -2.53
CA GLU A 27 24.97 -13.91 -1.15
C GLU A 27 23.79 -14.23 -0.19
N TYR A 28 22.55 -13.97 -0.63
CA TYR A 28 21.36 -14.15 0.23
C TYR A 28 21.19 -15.65 0.49
N THR A 29 21.33 -16.48 -0.55
CA THR A 29 21.25 -17.94 -0.43
C THR A 29 22.30 -18.39 0.59
N ALA A 30 23.51 -17.86 0.53
CA ALA A 30 24.61 -18.29 1.42
C ALA A 30 24.25 -17.86 2.85
N GLY A 31 23.72 -16.65 3.02
CA GLY A 31 23.34 -16.12 4.34
C GLY A 31 22.26 -17.00 4.97
N LEU A 32 21.25 -17.36 4.19
CA LEU A 32 20.12 -18.18 4.69
C LEU A 32 20.66 -19.54 5.10
N ARG A 33 21.46 -20.18 4.26
CA ARG A 33 22.00 -21.53 4.53
C ARG A 33 22.95 -21.50 5.73
N ALA A 34 23.64 -20.39 5.95
CA ALA A 34 24.68 -20.28 6.98
C ALA A 34 24.07 -19.80 8.29
N GLY A 35 22.81 -19.36 8.32
CA GLY A 35 22.23 -18.77 9.54
C GLY A 35 22.94 -17.49 9.91
N ARG A 36 23.38 -16.71 8.91
CA ARG A 36 24.01 -15.37 9.11
C ARG A 36 23.05 -14.47 9.89
N SER A 37 23.58 -13.70 10.84
CA SER A 37 22.84 -12.64 11.56
C SER A 37 23.07 -11.30 10.85
N GLY A 38 21.98 -10.55 10.66
CA GLY A 38 22.06 -9.20 10.11
C GLY A 38 22.26 -8.14 11.16
N ALA A 39 22.47 -8.50 12.43
CA ALA A 39 22.49 -7.52 13.54
C ALA A 39 23.82 -6.79 13.58
N ARG A 40 23.78 -5.46 13.68
CA ARG A 40 24.99 -4.61 13.71
C ARG A 40 24.59 -3.25 14.28
N PRO A 41 25.56 -2.44 14.71
CA PRO A 41 25.26 -1.08 15.18
C PRO A 41 24.51 -0.25 14.14
N ILE A 42 23.58 0.59 14.62
CA ILE A 42 22.87 1.61 13.81
C ILE A 42 23.87 2.68 13.42
N THR A 43 23.90 3.02 12.12
CA THR A 43 24.66 4.14 11.54
C THR A 43 23.70 5.19 10.95
N ARG A 44 22.43 4.87 10.76
CA ARG A 44 21.54 5.74 9.94
C ARG A 44 21.16 7.01 10.69
N PHE A 45 21.03 6.95 12.02
CA PHE A 45 20.56 8.09 12.85
C PHE A 45 21.20 7.99 14.22
N ASP A 46 21.06 9.06 14.99
CA ASP A 46 21.64 9.24 16.33
C ASP A 46 20.87 8.39 17.33
N THR A 47 21.52 7.44 18.00
CA THR A 47 20.84 6.51 18.96
C THR A 47 20.94 7.02 20.41
N GLU A 48 21.63 8.12 20.70
CA GLU A 48 21.75 8.61 22.11
C GLU A 48 20.37 8.75 22.75
N GLY A 49 20.15 8.14 23.92
CA GLY A 49 18.89 8.24 24.69
C GLY A 49 17.98 7.02 24.50
N PHE A 50 18.23 6.15 23.52
CA PHE A 50 17.36 4.95 23.31
C PHE A 50 17.75 3.82 24.28
N GLY A 51 18.95 3.89 24.85
CA GLY A 51 19.57 2.88 25.74
C GLY A 51 19.98 1.62 24.98
N GLN A 52 19.90 1.63 23.67
CA GLN A 52 20.36 0.52 22.83
C GLN A 52 20.64 1.09 21.44
N ASN A 53 21.38 0.37 20.58
CA ASN A 53 21.78 0.94 19.28
C ASN A 53 22.04 -0.16 18.26
N THR A 54 21.31 -1.29 18.33
CA THR A 54 21.46 -2.40 17.38
C THR A 54 20.23 -2.44 16.46
N ALA A 55 20.43 -2.72 15.18
CA ALA A 55 19.36 -2.95 14.18
C ALA A 55 19.95 -3.91 13.16
N CYS A 56 19.19 -4.24 12.11
CA CYS A 56 19.69 -5.10 11.02
C CYS A 56 19.77 -4.24 9.75
N GLU A 57 20.68 -3.26 9.75
CA GLU A 57 20.93 -2.40 8.57
C GLU A 57 21.58 -3.23 7.45
N VAL A 58 21.35 -2.81 6.23
CA VAL A 58 22.19 -3.23 5.07
C VAL A 58 23.56 -2.59 5.25
N PRO A 59 24.64 -3.38 5.34
CA PRO A 59 25.92 -2.82 5.77
C PRO A 59 26.62 -1.97 4.69
N ASP A 60 26.55 -2.33 3.41
CA ASP A 60 27.52 -1.77 2.42
C ASP A 60 26.83 -1.33 1.13
N PHE A 61 25.74 -0.58 1.21
CA PHE A 61 24.88 -0.35 0.02
C PHE A 61 25.64 0.57 -0.96
N GLU A 62 25.73 0.15 -2.21
CA GLU A 62 26.42 0.90 -3.30
C GLU A 62 25.43 1.16 -4.43
N PRO A 63 24.63 2.24 -4.32
CA PRO A 63 23.50 2.46 -5.23
C PRO A 63 23.99 2.60 -6.67
N GLY A 64 25.15 3.27 -6.83
CA GLY A 64 25.87 3.44 -8.12
C GLY A 64 26.04 2.14 -8.87
N ARG A 65 26.02 1.02 -8.18
CA ARG A 65 26.25 -0.30 -8.80
C ARG A 65 24.99 -0.83 -9.49
N TRP A 66 23.80 -0.26 -9.24
CA TRP A 66 22.53 -0.86 -9.72
C TRP A 66 21.64 0.21 -10.36
N ILE A 67 21.83 1.46 -10.00
CA ILE A 67 20.92 2.54 -10.45
C ILE A 67 21.63 3.39 -11.52
N HIS A 68 21.03 3.51 -12.71
CA HIS A 68 21.67 4.07 -13.93
C HIS A 68 21.04 5.38 -14.33
N HIS A 69 19.72 5.47 -14.23
CA HIS A 69 18.89 6.50 -14.91
C HIS A 69 18.31 7.49 -13.91
N VAL A 70 17.81 7.03 -12.77
CA VAL A 70 17.09 7.92 -11.84
C VAL A 70 18.17 8.57 -10.98
N PRO A 71 18.23 9.92 -10.88
CA PRO A 71 19.14 10.55 -9.96
C PRO A 71 18.90 10.04 -8.53
N LEU A 72 19.97 9.82 -7.78
CA LEU A 72 19.85 9.27 -6.42
C LEU A 72 19.07 10.20 -5.49
N ASP A 73 19.17 11.51 -5.64
CA ASP A 73 18.48 12.43 -4.72
C ASP A 73 17.00 12.53 -5.09
N ASP A 74 16.57 11.85 -6.16
CA ASP A 74 15.13 11.68 -6.44
C ASP A 74 14.52 10.61 -5.53
N MET A 75 15.33 9.90 -4.75
CA MET A 75 14.83 8.78 -3.89
C MET A 75 15.42 8.92 -2.50
N GLY A 76 14.67 8.54 -1.45
CA GLY A 76 15.30 8.16 -0.19
C GLY A 76 15.89 6.78 -0.26
N ARG A 77 16.37 6.29 0.89
CA ARG A 77 17.03 4.98 0.98
C ARG A 77 16.04 3.88 0.64
N ALA A 78 14.78 4.01 1.00
CA ALA A 78 13.82 2.92 0.71
C ALA A 78 13.64 2.80 -0.81
N GLY A 79 13.43 3.91 -1.52
CA GLY A 79 13.32 3.93 -2.98
C GLY A 79 14.58 3.37 -3.65
N GLN A 80 15.76 3.81 -3.19
CA GLN A 80 17.04 3.26 -3.71
C GLN A 80 17.08 1.75 -3.52
N TYR A 81 16.67 1.21 -2.35
CA TYR A 81 16.68 -0.27 -2.16
C TYR A 81 15.74 -0.89 -3.18
N ALA A 82 14.51 -0.36 -3.34
CA ALA A 82 13.48 -0.95 -4.23
C ALA A 82 14.05 -0.98 -5.66
N VAL A 83 14.60 0.13 -6.11
CA VAL A 83 15.10 0.26 -7.51
C VAL A 83 16.29 -0.69 -7.70
N ALA A 84 17.27 -0.70 -6.78
CA ALA A 84 18.44 -1.60 -6.89
C ALA A 84 17.96 -3.04 -6.96
N ALA A 85 17.05 -3.45 -6.07
CA ALA A 85 16.56 -4.84 -6.02
C ALA A 85 15.81 -5.12 -7.33
N ALA A 86 15.04 -4.16 -7.87
CA ALA A 86 14.28 -4.43 -9.12
C ALA A 86 15.25 -4.62 -10.32
N ARG A 87 16.34 -3.86 -10.37
CA ARG A 87 17.38 -4.04 -11.41
C ARG A 87 17.99 -5.45 -11.24
N MET A 88 18.37 -5.83 -10.01
CA MET A 88 18.92 -7.19 -9.75
C MET A 88 17.92 -8.28 -10.14
N ALA A 89 16.62 -8.07 -9.92
CA ALA A 89 15.58 -9.07 -10.22
C ALA A 89 15.47 -9.28 -11.74
N VAL A 90 15.35 -8.19 -12.50
CA VAL A 90 15.21 -8.27 -13.99
C VAL A 90 16.49 -8.89 -14.57
N ASP A 91 17.67 -8.56 -14.03
CA ASP A 91 18.93 -9.21 -14.48
C ASP A 91 18.88 -10.70 -14.15
N ASP A 92 18.43 -11.06 -12.94
CA ASP A 92 18.32 -12.49 -12.52
C ASP A 92 17.31 -13.20 -13.43
N ALA A 93 16.33 -12.48 -13.97
CA ALA A 93 15.28 -13.07 -14.85
C ALA A 93 15.78 -13.13 -16.29
N GLY A 94 16.92 -12.51 -16.59
CA GLY A 94 17.45 -12.48 -17.97
C GLY A 94 16.62 -11.57 -18.84
N LEU A 95 16.02 -10.55 -18.25
CA LEU A 95 15.22 -9.54 -18.98
C LEU A 95 16.05 -8.28 -19.08
N THR A 96 16.13 -7.73 -20.26
CA THR A 96 16.79 -6.42 -20.50
C THR A 96 15.73 -5.30 -20.48
N GLU A 97 16.13 -4.04 -20.29
CA GLU A 97 15.25 -2.85 -20.47
C GLU A 97 14.49 -2.94 -21.80
N ASP A 98 15.11 -3.41 -22.88
CA ASP A 98 14.42 -3.56 -24.20
C ASP A 98 13.30 -4.61 -24.08
N ASP A 99 13.54 -5.76 -23.41
CA ASP A 99 12.49 -6.79 -23.20
C ASP A 99 11.30 -6.20 -22.40
N LEU A 100 11.59 -5.27 -21.51
CA LEU A 100 10.56 -4.80 -20.55
C LEU A 100 9.69 -3.71 -21.18
N GLY A 101 10.32 -2.82 -21.96
CA GLY A 101 9.90 -1.50 -22.46
C GLY A 101 8.44 -1.44 -22.81
N GLU A 102 8.01 -2.34 -23.68
CA GLU A 102 6.67 -2.23 -24.32
C GLU A 102 5.67 -2.85 -23.36
N ARG A 103 6.03 -4.06 -22.89
CA ARG A 103 5.28 -5.08 -22.10
C ARG A 103 4.43 -4.36 -21.03
N GLN A 104 3.12 -4.60 -21.05
CA GLN A 104 2.23 -4.07 -20.01
C GLN A 104 2.60 -4.82 -18.73
N ALA A 105 2.80 -4.09 -17.64
CA ALA A 105 3.27 -4.67 -16.38
C ALA A 105 2.58 -4.03 -15.18
N VAL A 106 2.56 -4.80 -14.11
CA VAL A 106 2.29 -4.27 -12.76
C VAL A 106 3.64 -4.18 -12.04
N ILE A 107 3.89 -3.04 -11.41
CA ILE A 107 5.02 -2.86 -10.47
C ILE A 107 4.41 -2.52 -9.11
N THR A 108 4.54 -3.42 -8.15
CA THR A 108 3.91 -3.20 -6.81
C THR A 108 4.93 -3.47 -5.70
N VAL A 109 5.22 -2.42 -4.95
CA VAL A 109 6.19 -2.39 -3.82
C VAL A 109 5.40 -2.21 -2.53
N GLY A 110 5.58 -3.12 -1.59
CA GLY A 110 5.02 -2.99 -0.24
C GLY A 110 5.94 -2.18 0.65
N THR A 111 5.39 -1.32 1.49
CA THR A 111 6.20 -0.59 2.49
C THR A 111 5.40 -0.35 3.78
N THR A 112 6.10 -0.27 4.89
CA THR A 112 5.53 0.13 6.18
C THR A 112 5.74 1.64 6.38
N ASP A 113 6.97 2.11 6.24
CA ASP A 113 7.41 3.46 6.65
C ASP A 113 7.86 4.30 5.45
N GLY A 114 8.08 3.70 4.29
CA GLY A 114 8.64 4.40 3.13
C GLY A 114 9.80 5.29 3.55
N GLU A 115 9.81 6.55 3.13
CA GLU A 115 10.94 7.47 3.40
C GLU A 115 10.69 8.21 4.72
N SER A 116 10.34 7.50 5.81
CA SER A 116 10.14 8.13 7.13
C SER A 116 11.47 8.67 7.65
N HIS A 117 12.60 8.13 7.25
CA HIS A 117 13.90 8.77 7.62
C HIS A 117 13.95 10.20 7.07
N ASP A 118 13.61 10.40 5.80
CA ASP A 118 13.60 11.74 5.17
C ASP A 118 12.57 12.65 5.86
N ILE A 119 11.43 12.11 6.28
CA ILE A 119 10.45 12.92 7.04
C ILE A 119 11.11 13.43 8.33
N ALA A 120 11.83 12.56 9.06
CA ALA A 120 12.56 12.99 10.27
C ALA A 120 13.59 14.08 9.94
N VAL A 121 14.33 13.94 8.85
CA VAL A 121 15.35 14.96 8.47
C VAL A 121 14.68 16.30 8.17
N LEU A 122 13.58 16.32 7.41
CA LEU A 122 12.77 17.54 7.16
C LEU A 122 12.37 18.21 8.48
N LEU A 123 11.88 17.42 9.43
CA LEU A 123 11.45 17.93 10.75
C LEU A 123 12.67 18.48 11.51
N GLU A 124 13.85 17.83 11.45
CA GLU A 124 15.09 18.40 12.07
C GLU A 124 15.35 19.79 11.47
N GLN A 125 15.17 19.95 10.16
CA GLN A 125 15.47 21.23 9.48
C GLN A 125 14.52 22.29 10.03
N GLU A 126 13.24 21.96 10.19
CA GLU A 126 12.24 22.92 10.73
C GLU A 126 12.65 23.26 12.17
N LEU A 127 12.98 22.24 12.96
CA LEU A 127 13.24 22.40 14.42
C LEU A 127 14.50 23.24 14.65
N ALA A 128 15.62 22.96 13.98
CA ALA A 128 16.92 23.67 14.07
C ALA A 128 16.72 25.16 13.75
N ALA A 129 15.91 25.46 12.74
CA ALA A 129 15.61 26.81 12.24
C ALA A 129 14.53 27.50 13.09
N GLY A 130 13.64 26.75 13.71
CA GLY A 130 12.33 27.25 14.17
C GLY A 130 11.52 27.82 13.01
N ASP A 131 11.66 27.27 11.80
CA ASP A 131 11.12 27.89 10.56
C ASP A 131 10.85 26.80 9.53
N PRO A 132 9.58 26.54 9.16
CA PRO A 132 9.28 25.49 8.17
C PRO A 132 9.87 25.83 6.78
N GLU A 133 10.25 27.10 6.55
CA GLU A 133 10.83 27.53 5.25
C GLU A 133 12.24 26.94 5.12
N ALA A 134 12.85 26.41 6.18
CA ALA A 134 14.22 25.84 6.13
C ALA A 134 14.17 24.43 5.53
N MET A 135 12.99 23.89 5.26
CA MET A 135 12.88 22.47 4.83
C MET A 135 13.30 22.33 3.35
N ASP A 136 14.03 21.24 3.06
CA ASP A 136 14.62 20.97 1.74
C ASP A 136 13.54 20.48 0.78
N PRO A 137 13.24 21.20 -0.31
CA PRO A 137 12.30 20.71 -1.33
C PRO A 137 12.69 19.34 -1.90
N VAL A 138 13.99 19.06 -1.98
CA VAL A 138 14.44 17.76 -2.57
C VAL A 138 13.92 16.58 -1.72
N LEU A 139 14.02 16.67 -0.41
CA LEU A 139 13.41 15.62 0.48
C LEU A 139 11.89 15.66 0.36
N ALA A 140 11.26 16.82 0.45
CA ALA A 140 9.78 16.91 0.51
C ALA A 140 9.22 16.21 -0.73
N ARG A 141 9.91 16.31 -1.86
CA ARG A 141 9.37 15.81 -3.13
C ARG A 141 9.44 14.28 -3.15
N ARG A 142 10.23 13.64 -2.30
CA ARG A 142 10.43 12.17 -2.45
C ARG A 142 9.82 11.37 -1.29
N ILE A 143 9.02 11.96 -0.40
CA ILE A 143 8.56 11.27 0.85
C ILE A 143 7.30 10.40 0.63
N ASN A 144 6.53 10.63 -0.42
CA ASN A 144 5.24 9.91 -0.57
C ASN A 144 5.45 8.48 -1.10
N ALA A 145 4.75 7.53 -0.49
CA ALA A 145 4.99 6.09 -0.68
C ALA A 145 4.78 5.67 -2.13
N GLY A 146 3.87 6.34 -2.83
CA GLY A 146 3.57 6.03 -4.26
C GLY A 146 4.83 6.09 -5.12
N ARG A 147 5.81 6.92 -4.76
CA ARG A 147 7.08 7.06 -5.51
C ARG A 147 7.89 5.75 -5.51
N LEU A 148 7.75 4.88 -4.52
CA LEU A 148 8.61 3.66 -4.44
C LEU A 148 8.36 2.79 -5.67
N SER A 149 7.12 2.80 -6.17
CA SER A 149 6.74 1.98 -7.36
C SER A 149 7.06 2.75 -8.64
N THR A 150 6.79 4.06 -8.72
CA THR A 150 7.02 4.82 -9.98
C THR A 150 8.52 4.90 -10.31
N VAL A 151 9.42 5.00 -9.32
CA VAL A 151 10.88 5.14 -9.63
C VAL A 151 11.40 3.87 -10.27
N ILE A 152 10.83 2.70 -9.97
CA ILE A 152 11.27 1.46 -10.65
C ILE A 152 10.90 1.58 -12.15
N ALA A 153 9.65 1.96 -12.45
CA ALA A 153 9.22 2.17 -13.86
C ALA A 153 10.16 3.18 -14.57
N ARG A 154 10.55 4.25 -13.88
CA ARG A 154 11.48 5.26 -14.45
C ARG A 154 12.85 4.60 -14.67
N GLU A 155 13.38 3.85 -13.72
CA GLU A 155 14.73 3.25 -13.88
C GLU A 155 14.74 2.25 -15.03
N LEU A 156 13.69 1.44 -15.14
CA LEU A 156 13.59 0.37 -16.15
C LEU A 156 13.02 0.88 -17.47
N ARG A 157 12.70 2.16 -17.61
CA ARG A 157 12.17 2.75 -18.86
C ARG A 157 10.90 1.98 -19.28
N MET A 158 10.01 1.75 -18.31
CA MET A 158 8.72 1.04 -18.54
C MET A 158 7.58 2.01 -18.31
N PRO A 159 7.03 2.69 -19.33
CA PRO A 159 5.90 3.60 -19.13
C PRO A 159 4.51 2.93 -19.01
N ASN A 160 4.37 1.72 -19.54
CA ASN A 160 3.07 1.02 -19.61
C ASN A 160 2.90 0.17 -18.33
N VAL A 161 2.86 0.84 -17.18
CA VAL A 161 2.99 0.22 -15.85
C VAL A 161 1.88 0.74 -14.97
N GLU A 162 1.29 -0.17 -14.21
CA GLU A 162 0.46 0.14 -13.02
C GLU A 162 1.39 0.13 -11.81
N ALA A 163 1.72 1.31 -11.32
CA ALA A 163 2.70 1.48 -10.24
C ALA A 163 1.92 1.64 -8.94
N THR A 164 1.78 0.57 -8.17
CA THR A 164 0.94 0.59 -6.95
C THR A 164 1.82 0.26 -5.76
N THR A 165 2.04 1.22 -4.90
CA THR A 165 2.66 0.96 -3.60
C THR A 165 1.59 0.49 -2.62
N VAL A 166 1.75 -0.71 -2.09
CA VAL A 166 0.81 -1.32 -1.10
C VAL A 166 1.31 -0.97 0.31
N THR A 167 0.51 -0.24 1.07
CA THR A 167 0.84 0.25 2.45
C THR A 167 0.04 -0.59 3.44
N THR A 168 0.32 -1.90 3.53
CA THR A 168 -0.30 -2.79 4.53
C THR A 168 0.80 -3.21 5.52
N ALA A 169 1.70 -2.28 5.81
CA ALA A 169 2.65 -2.36 6.93
C ALA A 169 3.41 -3.70 6.85
N CYS A 170 3.41 -4.51 7.92
CA CYS A 170 4.32 -5.66 8.06
C CYS A 170 3.87 -6.84 7.20
N ALA A 171 2.77 -6.71 6.44
CA ALA A 171 2.32 -7.74 5.49
C ALA A 171 2.47 -7.31 4.01
N ALA A 172 3.07 -6.16 3.77
CA ALA A 172 2.97 -5.45 2.47
C ALA A 172 3.62 -6.29 1.35
N GLY A 173 4.76 -6.91 1.56
CA GLY A 173 5.41 -7.72 0.52
C GLY A 173 4.52 -8.82 -0.01
N ASN A 174 3.83 -9.53 0.88
CA ASN A 174 2.95 -10.65 0.51
C ASN A 174 1.72 -10.12 -0.22
N TYR A 175 1.20 -8.97 0.16
CA TYR A 175 0.06 -8.37 -0.57
C TYR A 175 0.47 -8.04 -2.00
N SER A 176 1.69 -7.52 -2.17
CA SER A 176 2.24 -7.09 -3.48
C SER A 176 2.43 -8.32 -4.36
N VAL A 177 3.06 -9.38 -3.85
CA VAL A 177 3.26 -10.61 -4.65
C VAL A 177 1.87 -11.16 -5.04
N GLY A 178 0.92 -11.16 -4.12
CA GLY A 178 -0.45 -11.65 -4.41
C GLY A 178 -1.12 -10.83 -5.49
N TYR A 179 -0.92 -9.52 -5.47
CA TYR A 179 -1.57 -8.63 -6.44
C TYR A 179 -0.99 -8.94 -7.83
N GLY A 180 0.33 -9.14 -7.89
CA GLY A 180 0.99 -9.60 -9.12
C GLY A 180 0.41 -10.93 -9.61
N LEU A 181 0.17 -11.87 -8.72
CA LEU A 181 -0.42 -13.20 -9.07
C LEU A 181 -1.81 -12.97 -9.68
N ASP A 182 -2.65 -12.18 -9.00
CA ASP A 182 -4.04 -11.88 -9.46
C ASP A 182 -3.99 -11.14 -10.81
N SER A 183 -3.04 -10.24 -10.99
CA SER A 183 -2.91 -9.39 -12.19
C SER A 183 -2.55 -10.26 -13.40
N ILE A 184 -1.66 -11.22 -13.22
CA ILE A 184 -1.26 -12.14 -14.32
C ILE A 184 -2.37 -13.17 -14.56
N ARG A 185 -2.97 -13.71 -13.50
CA ARG A 185 -4.08 -14.67 -13.63
C ARG A 185 -5.24 -14.05 -14.40
N SER A 186 -5.44 -12.74 -14.29
CA SER A 186 -6.51 -12.00 -14.98
C SER A 186 -6.32 -12.06 -16.50
N GLY A 187 -5.10 -12.31 -16.96
CA GLY A 187 -4.71 -12.25 -18.38
C GLY A 187 -4.34 -10.84 -18.82
N GLU A 188 -4.47 -9.82 -17.95
CA GLU A 188 -4.35 -8.41 -18.42
C GLU A 188 -2.87 -8.02 -18.53
N VAL A 189 -1.99 -8.72 -17.80
CA VAL A 189 -0.52 -8.54 -17.94
C VAL A 189 0.11 -9.93 -17.90
N ASP A 190 1.32 -10.06 -18.41
CA ASP A 190 2.07 -11.34 -18.33
C ASP A 190 3.32 -11.20 -17.46
N ILE A 191 3.54 -10.03 -16.86
CA ILE A 191 4.72 -9.83 -15.97
C ILE A 191 4.36 -8.84 -14.86
N ALA A 192 4.86 -9.10 -13.66
CA ALA A 192 4.68 -8.14 -12.54
C ALA A 192 5.97 -8.14 -11.75
N LEU A 193 6.44 -6.96 -11.39
CA LEU A 193 7.57 -6.81 -10.46
C LEU A 193 6.96 -6.47 -9.10
N CYS A 194 7.19 -7.32 -8.11
CA CYS A 194 6.46 -7.32 -6.83
C CYS A 194 7.44 -7.51 -5.68
N GLY A 195 7.24 -6.79 -4.59
CA GLY A 195 8.02 -7.07 -3.39
C GLY A 195 7.76 -6.03 -2.35
N GLY A 196 8.81 -5.66 -1.63
CA GLY A 196 8.70 -4.72 -0.53
C GLY A 196 10.03 -4.09 -0.24
N ALA A 197 9.99 -2.90 0.36
CA ALA A 197 11.18 -2.09 0.63
C ALA A 197 10.89 -1.21 1.84
N ASP A 198 11.86 -1.13 2.73
CA ASP A 198 11.82 -0.17 3.86
C ASP A 198 13.27 0.16 4.22
N ALA A 199 13.42 1.21 5.01
CA ALA A 199 14.73 1.76 5.42
C ALA A 199 14.66 2.09 6.90
N VAL A 200 15.69 1.67 7.62
CA VAL A 200 15.84 1.91 9.06
C VAL A 200 15.64 3.41 9.29
N CYS A 201 14.95 3.73 10.38
CA CYS A 201 14.56 5.12 10.69
C CYS A 201 14.22 5.22 12.17
N ARG A 202 14.39 6.44 12.68
CA ARG A 202 14.08 6.82 14.08
C ARG A 202 12.62 6.49 14.39
N LYS A 203 11.71 6.76 13.46
CA LYS A 203 10.26 6.49 13.68
C LYS A 203 10.04 5.03 14.11
N ALA A 204 10.51 4.05 13.33
CA ALA A 204 10.30 2.62 13.59
C ALA A 204 11.03 2.20 14.88
N PHE A 205 12.25 2.67 15.06
CA PHE A 205 13.05 2.31 16.25
C PHE A 205 12.35 2.82 17.50
N ALA A 206 11.91 4.08 17.49
CA ALA A 206 11.24 4.72 18.65
C ALA A 206 9.93 3.98 18.90
N LEU A 207 9.20 3.67 17.84
CA LEU A 207 7.87 3.01 17.96
C LEU A 207 8.01 1.69 18.69
N PHE A 208 8.89 0.83 18.21
CA PHE A 208 9.08 -0.53 18.78
C PHE A 208 9.64 -0.43 20.20
N LYS A 209 10.55 0.49 20.43
CA LYS A 209 11.09 0.73 21.80
C LYS A 209 9.94 1.09 22.75
N ARG A 210 9.11 2.06 22.38
CA ARG A 210 8.02 2.55 23.29
C ARG A 210 6.94 1.46 23.51
N PHE A 211 6.71 0.62 22.52
CA PHE A 211 5.86 -0.60 22.61
C PHE A 211 6.52 -1.69 23.48
N GLY A 212 7.79 -1.54 23.88
CA GLY A 212 8.52 -2.60 24.62
C GLY A 212 8.77 -3.85 23.76
N ALA A 213 8.73 -3.72 22.44
CA ALA A 213 8.87 -4.82 21.45
C ALA A 213 10.30 -5.01 20.96
N LEU A 214 11.27 -4.20 21.40
CA LEU A 214 12.69 -4.40 20.99
C LEU A 214 13.36 -5.37 21.94
N THR A 215 14.07 -6.35 21.40
CA THR A 215 14.99 -7.18 22.18
C THR A 215 16.12 -6.29 22.71
N PRO A 216 16.61 -6.57 23.94
CA PRO A 216 17.80 -5.92 24.48
C PRO A 216 19.08 -6.52 23.89
N ASP A 217 18.99 -7.68 23.22
CA ASP A 217 20.19 -8.35 22.66
C ASP A 217 19.87 -8.94 21.29
N VAL A 218 19.33 -10.15 21.21
CA VAL A 218 19.17 -10.88 19.92
C VAL A 218 17.70 -11.26 19.76
N VAL A 219 17.32 -11.55 18.54
CA VAL A 219 15.96 -11.94 18.14
C VAL A 219 15.90 -13.45 18.28
N ARG A 220 15.01 -13.96 19.14
CA ARG A 220 14.86 -15.42 19.35
C ARG A 220 13.44 -15.86 19.10
N PRO A 221 12.97 -15.90 17.83
CA PRO A 221 11.59 -16.31 17.59
C PRO A 221 11.33 -17.72 18.13
N PHE A 222 10.14 -17.88 18.73
CA PHE A 222 9.57 -19.11 19.33
C PHE A 222 10.40 -19.57 20.53
N ASP A 223 11.39 -18.80 20.97
CA ASP A 223 12.21 -19.17 22.14
C ASP A 223 11.40 -18.89 23.41
N LYS A 224 11.53 -19.78 24.41
CA LYS A 224 10.82 -19.63 25.72
C LYS A 224 11.10 -18.25 26.32
N ASP A 225 12.27 -17.67 26.09
CA ASP A 225 12.70 -16.40 26.76
C ASP A 225 12.87 -15.28 25.74
N ARG A 226 12.15 -15.35 24.64
CA ARG A 226 12.21 -14.34 23.56
C ARG A 226 11.78 -12.99 24.14
N GLN A 227 12.38 -11.91 23.66
CA GLN A 227 12.24 -10.55 24.25
C GLN A 227 11.88 -9.53 23.16
N GLY A 228 11.60 -9.97 21.93
CA GLY A 228 11.19 -9.06 20.84
C GLY A 228 12.17 -8.97 19.67
N ILE A 229 12.03 -7.87 18.92
CA ILE A 229 12.51 -7.74 17.51
C ILE A 229 13.72 -6.79 17.53
N LEU A 230 14.42 -6.77 16.40
CA LEU A 230 15.31 -5.69 15.95
C LEU A 230 14.68 -5.14 14.68
N THR A 231 14.70 -3.83 14.52
CA THR A 231 14.26 -3.19 13.26
C THR A 231 15.30 -3.56 12.19
N GLY A 232 14.80 -3.77 10.99
CA GLY A 232 15.61 -4.04 9.80
C GLY A 232 15.11 -3.27 8.60
N GLU A 233 15.65 -3.63 7.46
CA GLU A 233 15.40 -2.88 6.22
C GLU A 233 15.88 -3.70 5.04
N GLY A 234 15.69 -3.15 3.85
CA GLY A 234 16.17 -3.72 2.60
C GLY A 234 15.06 -3.80 1.60
N ALA A 235 15.24 -4.63 0.59
CA ALA A 235 14.18 -4.78 -0.42
C ALA A 235 14.29 -6.18 -0.98
N GLY A 236 13.14 -6.76 -1.23
CA GLY A 236 13.05 -7.93 -2.08
C GLY A 236 12.09 -7.63 -3.18
N ILE A 237 12.53 -7.90 -4.41
CA ILE A 237 11.70 -7.73 -5.63
C ILE A 237 11.69 -9.07 -6.34
N LEU A 238 10.50 -9.51 -6.71
CA LEU A 238 10.34 -10.81 -7.43
C LEU A 238 9.76 -10.50 -8.79
N VAL A 239 10.27 -11.20 -9.80
CA VAL A 239 9.72 -11.16 -11.16
C VAL A 239 8.73 -12.30 -11.26
N LEU A 240 7.46 -11.94 -11.40
CA LEU A 240 6.37 -12.89 -11.70
C LEU A 240 6.08 -12.80 -13.19
N GLU A 241 5.96 -13.97 -13.83
CA GLU A 241 5.63 -14.06 -15.27
C GLU A 241 4.57 -15.14 -15.43
N SER A 242 3.67 -14.98 -16.40
CA SER A 242 2.82 -16.09 -16.87
C SER A 242 3.76 -17.25 -17.25
N LEU A 243 3.33 -18.48 -17.01
CA LEU A 243 4.15 -19.64 -17.42
C LEU A 243 4.40 -19.58 -18.93
N GLU A 244 3.37 -19.28 -19.71
CA GLU A 244 3.39 -19.21 -21.20
C GLU A 244 4.54 -18.30 -21.65
N SER A 245 4.61 -17.08 -21.10
CA SER A 245 5.60 -16.03 -21.41
C SER A 245 7.01 -16.48 -21.00
N ALA A 246 7.17 -17.04 -19.81
CA ALA A 246 8.46 -17.58 -19.31
C ALA A 246 8.97 -18.68 -20.27
N LEU A 247 8.13 -19.67 -20.61
CA LEU A 247 8.52 -20.80 -21.50
C LEU A 247 8.85 -20.27 -22.89
N ALA A 248 8.05 -19.34 -23.44
CA ALA A 248 8.24 -18.79 -24.81
C ALA A 248 9.62 -18.13 -24.95
N ARG A 249 10.14 -17.45 -23.93
CA ARG A 249 11.46 -16.77 -24.01
C ARG A 249 12.57 -17.63 -23.37
N GLY A 250 12.30 -18.86 -22.97
CA GLY A 250 13.30 -19.76 -22.38
C GLY A 250 13.80 -19.26 -21.04
N ALA A 251 12.93 -18.71 -20.19
CA ALA A 251 13.34 -18.18 -18.86
C ALA A 251 13.73 -19.36 -17.98
N ARG A 252 14.68 -19.15 -17.07
CA ARG A 252 14.92 -20.10 -15.97
C ARG A 252 13.90 -19.83 -14.87
N ILE A 253 13.16 -20.85 -14.44
CA ILE A 253 12.09 -20.69 -13.41
C ILE A 253 12.63 -21.15 -12.05
N HIS A 254 12.57 -20.25 -11.07
CA HIS A 254 13.00 -20.54 -9.69
C HIS A 254 11.93 -21.42 -9.02
N ALA A 255 10.65 -21.06 -9.17
CA ALA A 255 9.54 -21.69 -8.43
C ALA A 255 8.22 -21.21 -9.02
N GLU A 256 7.10 -21.80 -8.59
CA GLU A 256 5.75 -21.38 -9.03
C GLU A 256 5.04 -20.67 -7.89
N VAL A 257 4.27 -19.63 -8.19
CA VAL A 257 3.34 -19.02 -7.23
C VAL A 257 2.05 -19.81 -7.29
N LEU A 258 1.67 -20.52 -6.22
CA LEU A 258 0.46 -21.37 -6.28
C LEU A 258 -0.78 -20.58 -5.86
N GLY A 259 -0.67 -19.67 -4.89
CA GLY A 259 -1.87 -19.00 -4.36
C GLY A 259 -1.52 -18.08 -3.22
N TYR A 260 -2.51 -17.30 -2.81
CA TYR A 260 -2.38 -16.57 -1.54
C TYR A 260 -3.74 -16.38 -0.91
N GLY A 261 -3.72 -15.88 0.33
CA GLY A 261 -4.91 -15.62 1.14
C GLY A 261 -4.81 -14.27 1.83
N LEU A 262 -5.88 -13.49 1.81
CA LEU A 262 -5.97 -12.23 2.57
C LEU A 262 -7.08 -12.36 3.58
N SER A 263 -6.82 -12.01 4.82
CA SER A 263 -7.89 -11.94 5.84
C SER A 263 -7.69 -10.67 6.65
N CYS A 264 -8.76 -10.25 7.28
CA CYS A 264 -8.70 -9.10 8.21
C CYS A 264 -9.27 -9.56 9.54
N ASP A 265 -8.55 -9.27 10.62
CA ASP A 265 -9.00 -9.67 11.98
C ASP A 265 -10.33 -9.00 12.33
N ALA A 266 -10.55 -7.77 11.89
CA ALA A 266 -11.68 -6.90 12.25
C ALA A 266 -11.82 -6.89 13.77
N ALA A 267 -10.70 -6.76 14.50
CA ALA A 267 -10.66 -6.93 15.97
C ALA A 267 -9.90 -5.78 16.60
N HIS A 268 -8.58 -5.78 16.53
CA HIS A 268 -7.69 -4.86 17.26
C HIS A 268 -6.73 -4.19 16.27
N PRO A 269 -6.30 -2.93 16.55
CA PRO A 269 -5.43 -2.22 15.62
C PRO A 269 -3.94 -2.57 15.70
N THR A 270 -3.49 -3.29 16.72
CA THR A 270 -2.06 -3.68 16.80
C THR A 270 -1.83 -5.13 17.20
N ALA A 271 -2.73 -5.76 17.94
CA ALA A 271 -2.57 -7.16 18.41
C ALA A 271 -2.86 -8.14 17.27
N PRO A 272 -2.11 -9.25 17.20
CA PRO A 272 -2.42 -10.33 16.28
C PRO A 272 -3.69 -11.05 16.75
N ASN A 273 -4.33 -11.79 15.84
CA ASN A 273 -5.58 -12.48 16.11
C ASN A 273 -5.43 -13.91 15.60
N ARG A 274 -5.61 -14.89 16.48
CA ARG A 274 -5.48 -16.32 16.11
C ARG A 274 -6.47 -16.68 14.99
N ASP A 275 -7.72 -16.27 15.13
CA ASP A 275 -8.78 -16.64 14.13
C ASP A 275 -8.46 -15.99 12.78
N GLY A 276 -8.08 -14.71 12.74
CA GLY A 276 -7.73 -14.01 11.47
C GLY A 276 -6.54 -14.65 10.79
N ILE A 277 -5.51 -14.99 11.56
CA ILE A 277 -4.32 -15.64 10.95
C ILE A 277 -4.72 -17.01 10.43
N ALA A 278 -5.50 -17.76 11.20
CA ALA A 278 -5.93 -19.09 10.75
C ALA A 278 -6.76 -18.95 9.47
N ARG A 279 -7.64 -17.97 9.38
CA ARG A 279 -8.47 -17.81 8.15
C ARG A 279 -7.57 -17.49 6.97
N GLY A 280 -6.56 -16.62 7.15
CA GLY A 280 -5.60 -16.27 6.08
C GLY A 280 -4.92 -17.51 5.56
N ILE A 281 -4.49 -18.39 6.46
CA ILE A 281 -3.78 -19.63 6.07
C ILE A 281 -4.75 -20.48 5.25
N ARG A 282 -5.93 -20.74 5.76
CA ARG A 282 -6.92 -21.62 5.04
C ARG A 282 -7.25 -21.06 3.67
N LEU A 283 -7.46 -19.75 3.58
CA LEU A 283 -7.73 -19.09 2.28
C LEU A 283 -6.55 -19.30 1.33
N ALA A 284 -5.32 -19.17 1.80
CA ALA A 284 -4.11 -19.39 0.97
C ALA A 284 -4.05 -20.84 0.46
N LEU A 285 -4.26 -21.79 1.34
CA LEU A 285 -4.21 -23.22 0.94
C LEU A 285 -5.30 -23.50 -0.09
N ASP A 286 -6.51 -22.94 0.09
CA ASP A 286 -7.65 -23.11 -0.84
C ASP A 286 -7.28 -22.49 -2.19
N ASP A 287 -6.74 -21.26 -2.19
CA ASP A 287 -6.36 -20.58 -3.45
C ASP A 287 -5.28 -21.40 -4.16
N ALA A 288 -4.33 -21.97 -3.43
CA ALA A 288 -3.20 -22.72 -4.00
C ALA A 288 -3.62 -24.10 -4.48
N GLY A 289 -4.79 -24.57 -4.04
CA GLY A 289 -5.30 -25.92 -4.34
C GLY A 289 -4.45 -26.97 -3.66
N VAL A 290 -3.92 -26.71 -2.46
CA VAL A 290 -3.11 -27.74 -1.75
C VAL A 290 -3.73 -28.07 -0.38
N GLU A 291 -3.43 -29.28 0.13
CA GLU A 291 -3.88 -29.77 1.47
C GLU A 291 -2.74 -29.51 2.46
N GLN A 292 -3.10 -29.36 3.74
CA GLN A 292 -2.16 -29.15 4.86
C GLN A 292 -0.99 -30.11 4.75
N GLU A 293 -1.28 -31.36 4.44
CA GLU A 293 -0.27 -32.46 4.45
C GLU A 293 0.84 -32.20 3.42
N GLU A 294 0.59 -31.40 2.39
CA GLU A 294 1.58 -31.21 1.29
C GLU A 294 2.56 -30.05 1.60
N ILE A 295 2.36 -29.30 2.69
CA ILE A 295 3.24 -28.15 3.02
C ILE A 295 4.49 -28.72 3.68
N ASP A 296 5.64 -28.45 3.09
CA ASP A 296 6.95 -28.96 3.56
C ASP A 296 7.48 -28.10 4.72
N PHE A 297 7.28 -26.78 4.70
CA PHE A 297 7.51 -25.96 5.90
C PHE A 297 6.77 -24.64 5.75
N ILE A 298 6.72 -23.93 6.86
CA ILE A 298 6.09 -22.60 6.99
C ILE A 298 7.19 -21.62 7.31
N SER A 299 7.24 -20.54 6.54
CA SER A 299 8.07 -19.35 6.85
C SER A 299 7.13 -18.44 7.66
N ALA A 300 7.30 -18.48 8.97
CA ALA A 300 6.44 -17.77 9.92
C ALA A 300 6.71 -16.28 9.87
N HIS A 301 5.67 -15.52 10.16
CA HIS A 301 5.82 -14.06 10.38
C HIS A 301 6.85 -13.90 11.51
N GLY A 302 6.69 -14.70 12.56
CA GLY A 302 7.73 -15.04 13.55
C GLY A 302 8.62 -13.86 13.91
N THR A 303 8.08 -12.85 14.57
CA THR A 303 8.85 -11.62 14.87
C THR A 303 9.67 -11.78 16.15
N GLY A 304 9.37 -12.75 17.00
CA GLY A 304 10.10 -12.96 18.26
C GLY A 304 9.54 -12.19 19.42
N THR A 305 8.39 -11.51 19.24
CA THR A 305 7.65 -10.95 20.40
C THR A 305 6.92 -12.09 21.10
N LYS A 306 6.69 -11.91 22.38
CA LYS A 306 5.80 -12.79 23.17
C LYS A 306 4.45 -12.94 22.44
N ALA A 307 3.75 -11.85 22.14
CA ALA A 307 2.37 -11.94 21.57
C ALA A 307 2.38 -12.60 20.18
N ASN A 308 3.31 -12.20 19.31
CA ASN A 308 3.25 -12.65 17.90
C ASN A 308 3.39 -14.17 17.84
N ASP A 309 4.43 -14.67 18.46
CA ASP A 309 4.84 -16.08 18.23
C ASP A 309 3.85 -17.02 18.89
N LYS A 310 3.29 -16.63 20.05
CA LYS A 310 2.27 -17.42 20.79
C LYS A 310 1.04 -17.51 19.89
N THR A 311 0.60 -16.36 19.38
CA THR A 311 -0.67 -16.29 18.62
C THR A 311 -0.52 -16.99 17.27
N GLU A 312 0.59 -16.75 16.58
CA GLU A 312 0.84 -17.35 15.26
C GLU A 312 0.97 -18.88 15.40
N SER A 313 1.67 -19.36 16.44
CA SER A 313 1.82 -20.82 16.68
C SER A 313 0.42 -21.43 16.85
N ALA A 314 -0.43 -20.75 17.62
CA ALA A 314 -1.76 -21.28 17.97
C ALA A 314 -2.61 -21.36 16.68
N ALA A 315 -2.48 -20.39 15.78
CA ALA A 315 -3.23 -20.37 14.49
C ALA A 315 -2.73 -21.52 13.61
N ILE A 316 -1.43 -21.74 13.58
CA ILE A 316 -0.81 -22.82 12.77
C ILE A 316 -1.29 -24.18 13.32
N VAL A 317 -1.20 -24.36 14.64
CA VAL A 317 -1.63 -25.64 15.29
C VAL A 317 -3.11 -25.88 14.98
N ASP A 318 -3.91 -24.81 15.04
CA ASP A 318 -5.35 -24.82 14.71
C ASP A 318 -5.53 -25.38 13.29
N VAL A 319 -4.93 -24.79 12.27
CA VAL A 319 -5.16 -25.20 10.85
C VAL A 319 -4.60 -26.61 10.57
N TYR A 320 -3.43 -26.91 11.11
CA TYR A 320 -2.68 -28.17 10.79
C TYR A 320 -3.02 -29.30 11.76
N GLY A 321 -3.88 -29.07 12.76
CA GLY A 321 -4.54 -30.13 13.55
C GLY A 321 -3.56 -30.97 14.36
N ASP A 322 -2.60 -30.30 15.00
CA ASP A 322 -1.66 -30.84 16.03
C ASP A 322 -0.50 -31.58 15.34
N ALA A 323 -0.43 -31.56 14.00
CA ALA A 323 0.73 -32.07 13.22
C ALA A 323 1.31 -30.95 12.34
N PRO A 324 1.77 -29.82 12.89
CA PRO A 324 2.23 -28.74 12.03
C PRO A 324 3.51 -29.17 11.32
N PRO A 325 3.82 -28.60 10.15
CA PRO A 325 5.12 -28.81 9.54
C PRO A 325 6.15 -27.97 10.31
N ARG A 326 7.42 -28.21 10.03
CA ARG A 326 8.55 -27.34 10.43
C ARG A 326 8.09 -25.91 10.17
N THR A 327 8.36 -25.03 11.13
CA THR A 327 7.90 -23.63 11.16
C THR A 327 9.12 -22.80 11.58
N VAL A 328 9.65 -22.00 10.66
CA VAL A 328 10.93 -21.28 10.83
C VAL A 328 10.70 -19.78 10.77
N ALA A 329 11.61 -19.02 11.34
CA ALA A 329 11.50 -17.55 11.42
C ALA A 329 12.75 -16.94 10.79
N VAL A 330 12.61 -16.52 9.53
CA VAL A 330 13.69 -15.82 8.76
C VAL A 330 14.03 -14.52 9.50
N LYS A 331 13.09 -13.93 10.26
CA LYS A 331 13.42 -12.67 10.98
C LYS A 331 14.45 -12.93 12.10
N SER A 332 14.68 -14.17 12.49
CA SER A 332 15.78 -14.46 13.45
C SER A 332 17.08 -13.90 12.86
N MET A 333 17.25 -14.04 11.56
CA MET A 333 18.47 -13.62 10.85
C MET A 333 18.34 -12.15 10.44
N LEU A 334 17.20 -11.77 9.85
CA LEU A 334 17.08 -10.47 9.15
C LEU A 334 16.68 -9.35 10.11
N GLY A 335 16.21 -9.65 11.32
CA GLY A 335 15.36 -8.74 12.08
C GLY A 335 14.07 -8.49 11.31
N HIS A 336 13.40 -7.39 11.61
CA HIS A 336 12.07 -7.08 11.04
C HIS A 336 12.21 -5.97 10.01
N SER A 337 12.23 -6.35 8.73
CA SER A 337 12.43 -5.47 7.57
C SER A 337 11.07 -4.93 7.09
N MET A 338 10.06 -5.06 7.94
CA MET A 338 8.78 -4.29 7.87
C MET A 338 8.07 -4.71 6.58
N GLY A 339 7.82 -3.80 5.63
CA GLY A 339 7.13 -4.15 4.36
C GLY A 339 7.95 -5.14 3.55
N ALA A 340 9.26 -5.07 3.67
CA ALA A 340 10.21 -5.94 2.93
C ALA A 340 10.21 -7.34 3.53
N ALA A 341 9.84 -7.51 4.80
CA ALA A 341 10.04 -8.78 5.51
C ALA A 341 9.39 -9.91 4.73
N SER A 342 8.13 -9.76 4.32
CA SER A 342 7.39 -10.86 3.65
C SER A 342 7.92 -11.10 2.24
N ALA A 343 8.45 -10.07 1.56
CA ALA A 343 9.09 -10.22 0.25
C ALA A 343 10.40 -10.98 0.43
N LEU A 344 11.25 -10.60 1.38
CA LEU A 344 12.52 -11.33 1.59
C LEU A 344 12.22 -12.76 2.06
N GLY A 345 11.11 -12.94 2.80
CA GLY A 345 10.64 -14.26 3.20
C GLY A 345 10.20 -15.07 2.00
N ALA A 346 9.46 -14.47 1.09
CA ALA A 346 8.98 -15.15 -0.13
C ALA A 346 10.19 -15.61 -0.95
N ILE A 347 11.21 -14.77 -1.09
CA ILE A 347 12.43 -15.13 -1.88
C ILE A 347 13.15 -16.29 -1.14
N ALA A 348 13.33 -16.19 0.17
CA ALA A 348 13.88 -17.30 0.98
C ALA A 348 13.12 -18.60 0.67
N CYS A 349 11.78 -18.56 0.64
CA CYS A 349 10.91 -19.74 0.34
C CYS A 349 11.19 -20.28 -1.08
N GLY A 350 11.31 -19.39 -2.09
CA GLY A 350 11.61 -19.79 -3.47
C GLY A 350 12.97 -20.44 -3.56
N LEU A 351 13.96 -19.92 -2.84
CA LEU A 351 15.33 -20.49 -2.84
C LEU A 351 15.35 -21.82 -2.09
N ALA A 352 14.61 -21.93 -0.98
CA ALA A 352 14.46 -23.20 -0.21
C ALA A 352 13.91 -24.29 -1.13
N ILE A 353 12.88 -23.98 -1.94
CA ILE A 353 12.28 -24.92 -2.93
C ILE A 353 13.31 -25.28 -4.00
N GLU A 354 13.96 -24.29 -4.56
CA GLU A 354 14.88 -24.54 -5.69
C GLU A 354 16.09 -25.34 -5.18
N HIS A 355 16.65 -25.04 -4.03
CA HIS A 355 17.97 -25.55 -3.59
C HIS A 355 17.83 -26.67 -2.55
N GLY A 356 16.59 -27.01 -2.13
CA GLY A 356 16.31 -28.14 -1.23
C GLY A 356 16.93 -27.96 0.14
N PHE A 357 16.58 -26.89 0.84
CA PHE A 357 17.05 -26.62 2.21
C PHE A 357 15.98 -25.83 2.96
N ILE A 358 16.00 -25.91 4.29
CA ILE A 358 15.12 -25.09 5.15
C ILE A 358 16.05 -24.16 5.92
N PRO A 359 15.81 -22.84 5.82
CA PRO A 359 16.57 -21.85 6.58
C PRO A 359 16.24 -22.00 8.06
N PRO A 360 17.24 -21.80 8.93
CA PRO A 360 17.07 -22.00 10.37
C PRO A 360 16.42 -20.84 11.13
N THR A 361 15.88 -21.15 12.29
CA THR A 361 15.52 -20.15 13.33
C THR A 361 16.73 -20.02 14.25
N ILE A 362 17.52 -18.97 14.06
CA ILE A 362 18.79 -18.78 14.80
C ILE A 362 18.51 -18.19 16.18
N ASN A 363 19.56 -18.11 16.99
CA ASN A 363 19.53 -17.54 18.37
C ASN A 363 18.61 -18.40 19.22
N HIS A 364 18.41 -19.66 18.85
CA HIS A 364 17.42 -20.54 19.53
C HIS A 364 18.08 -21.31 20.67
N ARG A 365 17.52 -21.21 21.87
CA ARG A 365 18.07 -21.91 23.06
C ARG A 365 17.07 -22.99 23.49
N GLU A 366 15.82 -22.62 23.62
CA GLU A 366 14.75 -23.54 24.09
C GLU A 366 13.41 -23.11 23.50
N THR A 367 12.75 -24.02 22.80
CA THR A 367 11.44 -23.73 22.20
C THR A 367 10.42 -23.50 23.33
N ASP A 368 9.66 -22.41 23.21
CA ASP A 368 8.50 -22.19 24.10
C ASP A 368 7.67 -23.47 24.11
N PRO A 369 7.39 -24.08 25.28
CA PRO A 369 6.51 -25.26 25.33
C PRO A 369 5.10 -25.01 24.75
N ASP A 370 4.65 -23.77 24.76
CA ASP A 370 3.35 -23.37 24.14
C ASP A 370 3.48 -23.13 22.62
N CYS A 371 4.67 -23.30 22.03
CA CYS A 371 4.86 -23.37 20.56
C CYS A 371 5.43 -24.74 20.18
N PRO A 372 4.57 -25.78 20.02
CA PRO A 372 5.05 -27.15 19.91
C PRO A 372 5.50 -27.40 18.46
N LEU A 373 6.54 -26.68 18.07
CA LEU A 373 6.98 -26.60 16.66
C LEU A 373 8.42 -27.07 16.56
N ASP A 374 8.77 -27.64 15.42
CA ASP A 374 10.18 -27.81 15.01
C ASP A 374 10.61 -26.55 14.25
N VAL A 375 11.40 -25.68 14.86
CA VAL A 375 11.74 -24.36 14.27
C VAL A 375 13.04 -24.45 13.46
N VAL A 376 13.59 -25.66 13.28
CA VAL A 376 14.89 -25.85 12.61
C VAL A 376 15.89 -24.92 13.28
N PRO A 377 16.19 -25.18 14.56
CA PRO A 377 17.01 -24.25 15.35
C PRO A 377 18.46 -24.14 14.86
N ASN A 378 18.93 -22.90 14.69
CA ASN A 378 20.35 -22.49 14.59
C ASN A 378 21.05 -22.89 13.29
N ARG A 379 20.81 -24.08 12.71
CA ARG A 379 21.49 -24.50 11.46
C ARG A 379 20.45 -25.02 10.47
N ALA A 380 20.64 -24.68 9.19
CA ALA A 380 19.81 -25.12 8.07
C ALA A 380 19.88 -26.65 7.98
N VAL A 381 18.84 -27.23 7.43
CA VAL A 381 18.81 -28.66 7.08
C VAL A 381 18.53 -28.78 5.59
N GLU A 382 19.00 -29.89 5.02
CA GLU A 382 18.65 -30.25 3.62
C GLU A 382 17.32 -30.97 3.72
N ALA A 383 16.43 -30.75 2.77
CA ALA A 383 15.11 -31.38 2.78
C ALA A 383 14.57 -31.38 1.36
N ASP A 384 13.63 -32.28 1.07
CA ASP A 384 12.94 -32.32 -0.24
C ASP A 384 11.84 -31.25 -0.14
N VAL A 385 12.16 -30.01 -0.47
CA VAL A 385 11.22 -28.86 -0.28
C VAL A 385 10.47 -28.66 -1.59
N ARG A 386 9.16 -28.83 -1.59
CA ARG A 386 8.37 -28.72 -2.84
C ARG A 386 7.33 -27.61 -2.72
N ILE A 387 6.69 -27.48 -1.56
CA ILE A 387 5.57 -26.51 -1.31
C ILE A 387 5.79 -25.85 0.04
N VAL A 388 5.73 -24.53 0.04
CA VAL A 388 6.14 -23.70 1.20
C VAL A 388 5.11 -22.60 1.40
N GLN A 389 4.77 -22.35 2.67
CA GLN A 389 3.84 -21.30 3.10
C GLN A 389 4.67 -20.19 3.71
N ASN A 390 4.42 -18.95 3.31
CA ASN A 390 5.09 -17.73 3.82
C ASN A 390 4.03 -16.84 4.47
N ASN A 391 4.09 -16.72 5.77
CA ASN A 391 3.06 -16.01 6.56
C ASN A 391 3.43 -14.55 6.71
N SER A 392 2.43 -13.71 6.85
CA SER A 392 2.67 -12.30 7.24
C SER A 392 1.44 -11.79 7.98
N SER A 393 1.66 -10.87 8.89
CA SER A 393 0.59 -10.20 9.68
C SER A 393 1.00 -8.77 9.88
N ALA A 394 0.05 -7.91 10.19
CA ALA A 394 0.40 -6.50 10.36
C ALA A 394 -0.53 -5.82 11.34
N PHE A 395 -0.15 -4.61 11.70
CA PHE A 395 -1.06 -3.69 12.38
C PHE A 395 -2.31 -3.55 11.50
N ALA A 396 -3.40 -3.10 12.13
CA ALA A 396 -4.74 -2.91 11.52
C ALA A 396 -5.32 -4.27 11.07
N GLY A 397 -4.87 -5.38 11.68
CA GLY A 397 -5.49 -6.70 11.49
C GLY A 397 -5.27 -7.30 10.12
N ASN A 398 -4.23 -6.88 9.38
CA ASN A 398 -4.04 -7.27 7.98
C ASN A 398 -3.20 -8.54 7.95
N ASN A 399 -3.74 -9.59 7.35
CA ASN A 399 -2.98 -10.86 7.22
C ASN A 399 -2.87 -11.22 5.74
N ALA A 400 -1.71 -11.77 5.33
CA ALA A 400 -1.47 -12.20 3.95
C ALA A 400 -0.57 -13.42 4.02
N VAL A 401 -1.02 -14.52 3.45
CA VAL A 401 -0.26 -15.81 3.41
C VAL A 401 -0.05 -16.22 1.96
N LEU A 402 1.18 -16.58 1.62
CA LEU A 402 1.61 -16.90 0.25
C LEU A 402 2.04 -18.36 0.20
N ILE A 403 1.63 -19.07 -0.83
CA ILE A 403 2.04 -20.48 -1.07
C ILE A 403 2.85 -20.50 -2.36
N LEU A 404 4.08 -21.01 -2.30
CA LEU A 404 4.96 -21.25 -3.47
C LEU A 404 5.19 -22.75 -3.62
N GLY A 405 5.39 -23.20 -4.85
CA GLY A 405 5.63 -24.62 -5.16
C GLY A 405 6.76 -24.79 -6.15
N THR A 406 7.18 -26.02 -6.35
CA THR A 406 8.14 -26.40 -7.40
C THR A 406 7.44 -26.30 -8.75
N TYR A 407 8.17 -25.89 -9.80
CA TYR A 407 7.65 -25.89 -11.18
C TYR A 407 7.94 -27.24 -11.85
N GLY B 18 -19.40 -10.60 -15.70
CA GLY B 18 -18.62 -10.26 -14.49
C GLY B 18 -18.06 -8.85 -14.50
N THR B 19 -18.76 -7.89 -15.11
CA THR B 19 -18.32 -6.45 -15.07
C THR B 19 -18.61 -5.93 -13.68
N PRO B 20 -17.67 -5.21 -13.06
CA PRO B 20 -17.92 -4.57 -11.79
C PRO B 20 -18.84 -3.36 -11.98
N VAL B 21 -19.78 -3.20 -11.06
CA VAL B 21 -20.71 -2.04 -11.04
C VAL B 21 -20.60 -1.34 -9.71
N ILE B 22 -20.63 -0.03 -9.73
CA ILE B 22 -20.75 0.81 -8.52
C ILE B 22 -22.22 0.90 -8.17
N THR B 23 -22.61 0.50 -6.96
CA THR B 23 -24.04 0.44 -6.57
C THR B 23 -24.30 1.43 -5.45
N GLY B 24 -23.28 2.15 -5.01
CA GLY B 24 -23.49 3.13 -3.96
C GLY B 24 -22.25 3.95 -3.75
N TRP B 25 -22.42 5.10 -3.13
CA TRP B 25 -21.28 6.00 -2.91
C TRP B 25 -21.56 6.85 -1.70
N SER B 26 -20.51 7.43 -1.14
CA SER B 26 -20.61 8.38 -0.04
C SER B 26 -19.40 9.29 -0.05
N ALA B 27 -19.55 10.44 0.60
CA ALA B 27 -18.50 11.46 0.57
C ALA B 27 -18.56 12.26 1.84
N VAL B 28 -17.37 12.55 2.35
CA VAL B 28 -17.14 13.58 3.37
C VAL B 28 -16.14 14.52 2.73
N SER B 29 -16.51 15.78 2.57
CA SER B 29 -15.79 16.70 1.68
C SER B 29 -15.89 18.12 2.24
N PRO B 30 -15.24 19.10 1.61
CA PRO B 30 -15.37 20.50 2.05
C PRO B 30 -16.78 21.09 1.81
N TYR B 31 -17.61 20.36 1.08
CA TYR B 31 -19.07 20.66 0.96
C TYR B 31 -19.84 20.23 2.21
N GLY B 32 -19.33 19.28 2.99
CA GLY B 32 -19.99 18.82 4.23
C GLY B 32 -19.97 17.31 4.37
N ILE B 33 -20.86 16.80 5.19
CA ILE B 33 -20.91 15.34 5.49
C ILE B 33 -22.04 14.70 4.68
N GLY B 34 -21.69 13.78 3.79
CA GLY B 34 -22.70 12.96 3.11
C GLY B 34 -22.75 13.22 1.64
N ARG B 35 -23.35 12.30 0.92
CA ARG B 35 -23.41 12.40 -0.55
C ARG B 35 -24.37 13.53 -0.92
N ALA B 36 -25.38 13.85 -0.12
CA ALA B 36 -26.40 14.85 -0.55
C ALA B 36 -25.73 16.22 -0.48
N GLU B 37 -24.92 16.45 0.56
CA GLU B 37 -24.16 17.73 0.70
C GLU B 37 -23.20 17.87 -0.50
N PHE B 38 -22.51 16.78 -0.85
CA PHE B 38 -21.52 16.75 -1.95
C PHE B 38 -22.23 17.07 -3.28
N ALA B 39 -23.31 16.34 -3.58
CA ALA B 39 -24.12 16.55 -4.80
C ALA B 39 -24.57 18.03 -4.89
N ALA B 40 -25.11 18.57 -3.82
CA ALA B 40 -25.63 19.97 -3.80
C ALA B 40 -24.50 20.96 -4.04
N GLY B 41 -23.33 20.76 -3.42
CA GLY B 41 -22.20 21.72 -3.49
C GLY B 41 -21.62 21.76 -4.87
N VAL B 42 -21.48 20.59 -5.49
CA VAL B 42 -20.99 20.46 -6.88
C VAL B 42 -21.96 21.20 -7.80
N ARG B 43 -23.24 20.85 -7.72
CA ARG B 43 -24.32 21.49 -8.55
C ARG B 43 -24.30 23.01 -8.32
N ALA B 44 -24.10 23.51 -7.11
CA ALA B 44 -24.14 24.97 -6.80
C ALA B 44 -22.83 25.69 -7.16
N GLY B 45 -21.72 24.99 -7.39
CA GLY B 45 -20.40 25.67 -7.47
C GLY B 45 -20.13 26.38 -6.16
N ALA B 46 -20.50 25.79 -5.03
CA ALA B 46 -20.37 26.47 -3.73
C ALA B 46 -18.88 26.69 -3.46
N LYS B 47 -18.54 27.80 -2.81
CA LYS B 47 -17.18 28.06 -2.27
C LYS B 47 -17.05 27.24 -1.00
N THR B 48 -15.88 26.69 -0.74
CA THR B 48 -15.64 25.89 0.48
C THR B 48 -14.51 26.48 1.33
N ALA B 49 -13.69 27.38 0.79
CA ALA B 49 -12.52 27.96 1.49
C ALA B 49 -12.97 28.72 2.73
N VAL B 50 -12.39 28.44 3.88
CA VAL B 50 -12.63 29.20 5.13
C VAL B 50 -11.25 29.64 5.65
N LYS B 51 -11.24 30.59 6.59
CA LYS B 51 -10.03 30.89 7.38
C LYS B 51 -9.74 29.70 8.30
N ALA B 52 -8.50 29.21 8.28
CA ALA B 52 -8.03 28.10 9.14
C ALA B 52 -8.21 28.47 10.62
N ASP B 53 -8.59 27.49 11.46
CA ASP B 53 -8.56 27.60 12.95
C ASP B 53 -7.15 28.02 13.37
N ALA B 54 -7.05 29.03 14.24
CA ALA B 54 -5.77 29.50 14.83
C ALA B 54 -5.07 28.32 15.52
N GLY B 55 -5.86 27.33 15.97
CA GLY B 55 -5.41 26.09 16.62
C GLY B 55 -4.44 25.29 15.78
N LEU B 56 -4.64 25.24 14.45
CA LEU B 56 -3.75 24.54 13.48
C LEU B 56 -2.35 25.16 13.52
N GLY B 57 -2.20 26.37 14.05
CA GLY B 57 -0.90 27.06 14.12
C GLY B 57 -0.56 27.69 12.77
N PRO B 58 0.66 28.21 12.60
CA PRO B 58 1.06 28.86 11.35
C PRO B 58 0.98 27.90 10.15
N LEU B 59 0.45 28.41 9.04
CA LEU B 59 0.24 27.68 7.76
C LEU B 59 0.79 28.49 6.59
N PRO B 60 1.15 27.85 5.47
CA PRO B 60 1.62 28.58 4.30
C PRO B 60 0.51 29.46 3.72
N SER B 61 -0.76 29.09 3.93
CA SER B 61 -1.94 29.86 3.51
C SER B 61 -3.00 29.77 4.61
N SER B 62 -3.64 30.91 4.95
CA SER B 62 -4.72 31.00 5.96
C SER B 62 -6.04 30.47 5.38
N ASP B 63 -6.11 30.27 4.07
CA ASP B 63 -7.33 29.76 3.36
C ASP B 63 -7.21 28.25 3.19
N VAL B 64 -8.23 27.52 3.64
CA VAL B 64 -8.27 26.04 3.62
C VAL B 64 -9.68 25.62 3.26
N CYS B 65 -9.80 24.45 2.67
CA CYS B 65 -11.10 23.82 2.30
C CYS B 65 -11.27 22.59 3.18
N THR B 66 -11.63 22.82 4.44
CA THR B 66 -11.84 21.78 5.47
C THR B 66 -13.29 21.33 5.35
N VAL B 67 -13.55 20.15 5.87
CA VAL B 67 -14.92 19.61 6.05
C VAL B 67 -15.58 20.49 7.11
N PRO B 68 -16.72 21.13 6.81
CA PRO B 68 -17.32 22.04 7.79
C PRO B 68 -18.07 21.25 8.88
N GLY B 69 -18.04 21.79 10.10
CA GLY B 69 -18.71 21.25 11.29
C GLY B 69 -18.31 19.81 11.57
N PHE B 70 -17.04 19.46 11.30
CA PHE B 70 -16.54 18.08 11.51
C PHE B 70 -15.76 18.05 12.82
N ASP B 71 -16.34 17.40 13.82
CA ASP B 71 -15.68 17.16 15.11
C ASP B 71 -15.63 15.63 15.30
N ILE B 72 -14.44 15.07 15.51
CA ILE B 72 -14.26 13.59 15.55
C ILE B 72 -15.14 13.00 16.63
N GLN B 73 -15.12 13.53 17.86
CA GLN B 73 -15.89 12.94 18.99
C GLN B 73 -17.38 13.16 18.76
N GLU B 74 -17.79 14.30 18.21
CA GLU B 74 -19.21 14.52 17.90
C GLU B 74 -19.67 13.45 16.89
N GLN B 75 -18.85 13.12 15.89
CA GLN B 75 -19.29 12.22 14.81
C GLN B 75 -19.24 10.77 15.29
N LEU B 76 -18.20 10.37 16.05
CA LEU B 76 -17.86 8.95 16.27
C LEU B 76 -18.01 8.53 17.73
N GLY B 77 -18.33 9.45 18.64
CA GLY B 77 -18.53 9.10 20.06
C GLY B 77 -17.22 9.16 20.85
N PRO B 78 -17.29 8.79 22.15
CA PRO B 78 -16.17 8.99 23.06
C PRO B 78 -15.15 7.85 23.15
N ARG B 79 -15.42 6.71 22.52
CA ARG B 79 -14.64 5.44 22.60
C ARG B 79 -13.55 5.41 21.53
N GLY B 80 -12.27 5.51 21.93
CA GLY B 80 -11.14 5.37 20.98
C GLY B 80 -10.99 6.54 20.01
N THR B 81 -11.52 7.71 20.37
CA THR B 81 -11.64 8.87 19.46
C THR B 81 -10.78 10.05 19.92
N ALA B 82 -10.39 10.10 21.18
CA ALA B 82 -9.56 11.22 21.71
C ALA B 82 -8.22 11.31 20.95
N LYS B 83 -7.60 10.21 20.54
CA LYS B 83 -6.24 10.23 19.93
C LYS B 83 -6.33 9.89 18.43
N MET B 84 -7.56 9.68 17.90
CA MET B 84 -7.76 9.24 16.52
C MET B 84 -7.29 10.33 15.54
N ASP B 85 -6.59 9.92 14.51
CA ASP B 85 -6.19 10.80 13.38
C ASP B 85 -7.43 11.18 12.55
N ARG B 86 -7.42 12.41 12.05
CA ARG B 86 -8.48 12.97 11.19
C ARG B 86 -8.71 12.07 9.96
N LEU B 87 -7.64 11.55 9.38
CA LEU B 87 -7.74 10.64 8.20
C LEU B 87 -8.66 9.47 8.53
N THR B 88 -8.33 8.72 9.57
CA THR B 88 -9.18 7.60 10.03
C THR B 88 -10.61 8.10 10.24
N ALA B 89 -10.80 9.23 10.92
CA ALA B 89 -12.15 9.75 11.26
C ALA B 89 -12.95 10.02 9.96
N LEU B 90 -12.28 10.58 8.96
CA LEU B 90 -12.92 10.91 7.66
C LEU B 90 -13.36 9.62 7.00
N ALA B 91 -12.49 8.60 6.97
CA ALA B 91 -12.87 7.31 6.35
C ALA B 91 -14.04 6.66 7.12
N LEU B 92 -14.04 6.71 8.45
CA LEU B 92 -15.08 6.02 9.24
C LEU B 92 -16.42 6.70 8.97
N VAL B 93 -16.45 8.02 8.96
CA VAL B 93 -17.74 8.72 8.72
C VAL B 93 -18.23 8.41 7.31
N ALA B 94 -17.33 8.33 6.34
CA ALA B 94 -17.71 7.99 4.95
C ALA B 94 -18.27 6.56 4.91
N SER B 95 -17.65 5.62 5.64
CA SER B 95 -18.07 4.20 5.66
C SER B 95 -19.51 4.12 6.20
N ASP B 96 -19.84 4.91 7.23
CA ASP B 96 -21.22 4.97 7.80
C ASP B 96 -22.18 5.47 6.71
N GLY B 97 -21.81 6.51 5.97
CA GLY B 97 -22.61 7.07 4.86
C GLY B 97 -22.87 6.04 3.80
N LEU B 98 -21.90 5.17 3.56
CA LEU B 98 -22.02 4.14 2.50
C LEU B 98 -22.87 2.96 2.98
N LEU B 99 -22.61 2.43 4.17
CA LEU B 99 -23.26 1.17 4.62
C LEU B 99 -24.56 1.40 5.39
N LEU B 100 -24.75 2.58 5.95
CA LEU B 100 -25.91 2.89 6.81
C LEU B 100 -26.76 3.96 6.10
N ASP B 101 -28.01 4.09 6.51
CA ASP B 101 -28.87 5.16 6.00
C ASP B 101 -28.70 6.34 6.95
N ALA B 102 -29.48 7.40 6.75
CA ALA B 102 -29.37 8.66 7.49
C ALA B 102 -29.69 8.44 8.97
N ASP B 103 -30.44 7.38 9.32
CA ASP B 103 -30.75 7.07 10.74
C ASP B 103 -29.86 5.95 11.32
N GLY B 104 -28.82 5.48 10.65
CA GLY B 104 -27.93 4.47 11.27
C GLY B 104 -28.49 3.05 11.07
N ASN B 105 -29.56 2.91 10.32
CA ASN B 105 -30.11 1.59 9.91
C ASN B 105 -29.15 0.97 8.90
N ARG B 106 -29.10 -0.33 8.77
CA ARG B 106 -28.17 -0.97 7.83
C ARG B 106 -28.81 -1.01 6.46
N ALA B 107 -28.16 -0.35 5.49
CA ALA B 107 -28.60 -0.20 4.09
C ALA B 107 -27.90 -1.25 3.23
N VAL B 108 -26.68 -1.67 3.58
CA VAL B 108 -25.87 -2.61 2.75
C VAL B 108 -25.50 -3.84 3.59
N ALA B 109 -25.80 -5.03 3.12
CA ALA B 109 -25.45 -6.30 3.78
C ALA B 109 -23.98 -6.58 3.43
N THR B 110 -23.14 -6.83 4.42
CA THR B 110 -21.71 -7.18 4.13
C THR B 110 -21.45 -8.52 4.81
N ASP B 111 -20.35 -9.14 4.46
CA ASP B 111 -19.96 -10.45 5.03
C ASP B 111 -18.45 -10.58 4.84
N GLU B 112 -17.93 -11.77 5.02
CA GLU B 112 -16.46 -11.97 5.06
C GLU B 112 -15.87 -11.90 3.63
N LEU B 113 -16.72 -11.79 2.61
CA LEU B 113 -16.31 -11.66 1.18
C LEU B 113 -16.48 -10.19 0.75
N THR B 114 -16.65 -9.27 1.70
CA THR B 114 -16.67 -7.83 1.41
C THR B 114 -15.25 -7.30 1.59
N GLY B 115 -14.60 -6.88 0.50
CA GLY B 115 -13.23 -6.30 0.58
C GLY B 115 -13.29 -4.85 0.95
N VAL B 116 -12.16 -4.34 1.46
CA VAL B 116 -11.96 -2.87 1.66
C VAL B 116 -10.63 -2.50 1.00
N VAL B 117 -10.61 -1.47 0.18
CA VAL B 117 -9.32 -0.93 -0.32
C VAL B 117 -9.45 0.59 -0.33
N LEU B 118 -8.53 1.23 0.38
CA LEU B 118 -8.45 2.69 0.49
C LEU B 118 -7.15 3.22 -0.13
N GLY B 119 -7.24 4.30 -0.89
CA GLY B 119 -6.04 4.99 -1.43
C GLY B 119 -5.65 6.18 -0.57
N ILE B 120 -4.36 6.35 -0.40
CA ILE B 120 -3.79 7.46 0.41
C ILE B 120 -2.63 8.12 -0.35
N THR B 121 -2.13 9.23 0.21
CA THR B 121 -0.83 9.80 -0.19
C THR B 121 0.24 9.22 0.73
N MET B 122 0.18 9.55 2.02
CA MET B 122 1.24 9.16 2.97
C MET B 122 0.62 9.09 4.37
N GLY B 123 -0.68 8.71 4.43
CA GLY B 123 -1.42 8.53 5.68
C GLY B 123 -1.58 9.86 6.41
N SER B 124 -1.53 9.77 7.74
CA SER B 124 -1.61 10.97 8.62
C SER B 124 -0.20 11.52 8.84
N LEU B 125 0.17 12.55 8.11
CA LEU B 125 1.46 13.24 8.33
C LEU B 125 1.43 13.98 9.67
N GLU B 126 0.23 14.36 10.12
CA GLU B 126 0.06 14.95 11.48
C GLU B 126 0.53 13.94 12.53
N ASN B 127 0.09 12.69 12.43
CA ASN B 127 0.46 11.68 13.43
C ASN B 127 1.98 11.51 13.44
N VAL B 128 2.60 11.29 12.27
CA VAL B 128 4.03 10.88 12.23
C VAL B 128 4.88 12.10 12.61
N THR B 129 4.50 13.30 12.23
CA THR B 129 5.31 14.48 12.60
C THR B 129 5.12 14.80 14.09
N ASP B 130 3.92 14.63 14.65
CA ASP B 130 3.73 14.86 16.10
C ASP B 130 4.61 13.86 16.87
N PHE B 131 4.63 12.61 16.41
CA PHE B 131 5.44 11.53 17.01
C PHE B 131 6.93 11.92 16.98
N LEU B 132 7.43 12.28 15.81
CA LEU B 132 8.87 12.59 15.66
C LEU B 132 9.20 13.86 16.43
N ARG B 133 8.28 14.83 16.46
CA ARG B 133 8.55 16.07 17.20
C ARG B 133 8.74 15.73 18.68
N GLN B 134 7.92 14.84 19.23
CA GLN B 134 8.05 14.38 20.62
C GLN B 134 9.36 13.63 20.78
N SER B 135 9.72 12.76 19.81
CA SER B 135 11.03 12.07 19.82
C SER B 135 12.18 13.08 20.00
N TYR B 136 12.17 14.20 19.25
CA TYR B 136 13.28 15.17 19.17
C TYR B 136 13.33 16.02 20.44
N THR B 137 12.19 16.30 21.06
CA THR B 137 12.03 17.39 22.08
C THR B 137 11.76 16.85 23.50
N ASN B 138 11.37 15.58 23.71
CA ASN B 138 11.07 15.08 25.07
C ASN B 138 12.39 14.59 25.69
N ALA B 139 12.35 14.14 26.92
CA ALA B 139 13.57 13.84 27.72
C ALA B 139 14.36 12.69 27.08
N ARG B 140 13.67 11.74 26.46
CA ARG B 140 14.33 10.63 25.74
C ARG B 140 13.58 10.43 24.41
N PRO B 141 14.27 9.91 23.38
CA PRO B 141 13.74 9.94 22.02
C PRO B 141 12.66 8.90 21.67
N PHE B 142 12.23 8.09 22.63
CA PHE B 142 11.00 7.27 22.49
C PHE B 142 9.92 7.69 23.48
N TYR B 143 10.06 8.86 24.11
CA TYR B 143 9.09 9.42 25.10
C TYR B 143 8.05 10.18 24.31
N VAL B 144 7.15 9.42 23.71
CA VAL B 144 6.10 9.95 22.79
C VAL B 144 4.72 9.66 23.40
N ASP B 145 3.70 10.23 22.78
CA ASP B 145 2.29 9.91 23.14
C ASP B 145 2.04 8.48 22.68
N ALA B 146 2.07 7.50 23.59
CA ALA B 146 1.93 6.06 23.23
C ALA B 146 0.51 5.77 22.72
N GLY B 147 -0.49 6.52 23.13
CA GLY B 147 -1.90 6.30 22.69
C GLY B 147 -2.11 6.66 21.20
N ARG B 148 -1.20 7.44 20.59
CA ARG B 148 -1.31 7.84 19.16
C ARG B 148 -0.68 6.76 18.28
N ILE B 149 0.13 5.86 18.85
CA ILE B 149 0.90 4.89 18.02
C ILE B 149 -0.02 4.05 17.12
N PRO B 150 -1.11 3.45 17.60
CA PRO B 150 -1.92 2.60 16.72
C PRO B 150 -2.43 3.31 15.46
N PHE B 151 -2.67 4.63 15.57
CA PHE B 151 -3.31 5.44 14.51
C PHE B 151 -2.30 5.84 13.44
N GLY B 152 -1.00 5.71 13.73
CA GLY B 152 0.07 6.11 12.81
C GLY B 152 0.19 5.20 11.59
N SER B 153 -0.13 3.91 11.70
CA SER B 153 0.04 2.93 10.61
C SER B 153 -0.69 3.43 9.34
N LEU B 154 -0.05 3.31 8.17
CA LEU B 154 -0.63 3.84 6.89
C LEU B 154 -1.96 3.11 6.58
N ASN B 155 -2.07 1.87 7.02
CA ASN B 155 -3.28 1.03 6.82
C ASN B 155 -4.29 1.22 7.96
N HIS B 156 -4.15 2.22 8.84
CA HIS B 156 -5.03 2.28 10.03
C HIS B 156 -6.46 2.57 9.60
N ALA B 157 -6.67 3.50 8.67
CA ALA B 157 -8.04 3.92 8.26
C ALA B 157 -8.80 2.70 7.71
N ALA B 158 -8.20 1.94 6.82
CA ALA B 158 -8.84 0.75 6.22
C ALA B 158 -9.10 -0.30 7.33
N GLY B 159 -8.14 -0.52 8.24
CA GLY B 159 -8.31 -1.48 9.34
C GLY B 159 -9.38 -1.05 10.33
N ALA B 160 -9.48 0.24 10.61
CA ALA B 160 -10.49 0.82 11.50
C ALA B 160 -11.87 0.65 10.87
N THR B 161 -11.98 0.78 9.55
CA THR B 161 -13.26 0.59 8.81
C THR B 161 -13.73 -0.86 8.98
N ALA B 162 -12.81 -1.81 8.87
CA ALA B 162 -13.10 -3.24 9.06
C ALA B 162 -13.53 -3.53 10.51
N ILE B 163 -12.88 -2.93 11.52
CA ILE B 163 -13.24 -3.17 12.93
C ILE B 163 -14.66 -2.62 13.10
N ARG B 164 -14.91 -1.41 12.60
CA ARG B 164 -16.18 -0.70 12.82
C ARG B 164 -17.36 -1.52 12.25
N HIS B 165 -17.23 -2.12 11.07
CA HIS B 165 -18.33 -2.78 10.32
C HIS B 165 -18.15 -4.30 10.28
N ASP B 166 -17.19 -4.83 11.02
CA ASP B 166 -16.94 -6.29 11.15
C ASP B 166 -16.67 -6.92 9.77
N LEU B 167 -15.64 -6.40 9.11
CA LEU B 167 -15.29 -6.78 7.71
C LEU B 167 -14.03 -7.64 7.75
N LYS B 168 -14.22 -8.95 7.81
CA LYS B 168 -13.11 -9.95 7.96
C LYS B 168 -12.47 -10.26 6.62
N GLY B 169 -12.98 -9.71 5.53
CA GLY B 169 -12.45 -10.02 4.19
C GLY B 169 -11.20 -9.19 3.88
N PRO B 170 -10.75 -9.20 2.62
CA PRO B 170 -9.53 -8.53 2.21
C PRO B 170 -9.52 -7.07 2.63
N ASN B 171 -8.38 -6.63 3.17
CA ASN B 171 -8.28 -5.27 3.71
C ASN B 171 -6.97 -4.69 3.23
N THR B 172 -7.04 -3.76 2.32
CA THR B 172 -5.84 -3.27 1.62
C THR B 172 -5.83 -1.74 1.62
N THR B 173 -4.64 -1.17 1.77
CA THR B 173 -4.40 0.27 1.57
C THR B 173 -3.35 0.41 0.49
N VAL B 174 -3.58 1.36 -0.45
CA VAL B 174 -2.62 1.61 -1.54
C VAL B 174 -2.29 3.09 -1.52
N ALA B 175 -1.05 3.44 -1.86
CA ALA B 175 -0.64 4.85 -1.98
C ALA B 175 -0.82 5.31 -3.42
N GLY B 176 -0.24 6.44 -3.80
CA GLY B 176 -0.31 6.92 -5.19
C GLY B 176 -0.92 8.30 -5.25
N GLY B 177 -1.34 8.84 -4.13
CA GLY B 177 -1.74 10.26 -4.09
C GLY B 177 -2.96 10.49 -4.97
N ARG B 178 -2.86 11.38 -5.96
CA ARG B 178 -4.06 11.76 -6.77
C ARG B 178 -4.62 10.59 -7.56
N VAL B 179 -3.81 9.60 -7.92
CA VAL B 179 -4.33 8.43 -8.66
C VAL B 179 -4.75 7.30 -7.71
N SER B 180 -4.53 7.43 -6.42
CA SER B 180 -4.75 6.31 -5.46
C SER B 180 -6.19 5.78 -5.52
N GLY B 181 -7.21 6.63 -5.69
CA GLY B 181 -8.61 6.19 -5.81
C GLY B 181 -8.78 5.26 -7.02
N LEU B 182 -8.08 5.53 -8.13
CA LEU B 182 -8.23 4.71 -9.36
C LEU B 182 -7.36 3.45 -9.22
N LEU B 183 -6.17 3.54 -8.60
CA LEU B 183 -5.40 2.30 -8.28
C LEU B 183 -6.24 1.41 -7.35
N ALA B 184 -6.92 1.99 -6.34
CA ALA B 184 -7.81 1.22 -5.43
C ALA B 184 -8.89 0.53 -6.25
N LEU B 185 -9.51 1.28 -7.17
CA LEU B 185 -10.62 0.75 -7.99
C LEU B 185 -10.15 -0.43 -8.84
N ASN B 186 -9.00 -0.29 -9.48
CA ASN B 186 -8.44 -1.37 -10.32
C ASN B 186 -8.07 -2.57 -9.45
N TYR B 187 -7.48 -2.32 -8.29
CA TYR B 187 -7.13 -3.40 -7.32
C TYR B 187 -8.39 -4.19 -6.96
N ALA B 188 -9.48 -3.50 -6.61
CA ALA B 188 -10.77 -4.14 -6.28
C ALA B 188 -11.29 -4.95 -7.47
N ARG B 189 -11.23 -4.34 -8.65
CA ARG B 189 -11.71 -4.97 -9.90
C ARG B 189 -10.96 -6.29 -10.07
N ARG B 190 -9.64 -6.28 -9.94
CA ARG B 190 -8.83 -7.50 -10.16
C ARG B 190 -9.16 -8.57 -9.11
N LEU B 191 -9.20 -8.20 -7.82
CA LEU B 191 -9.40 -9.21 -6.77
C LEU B 191 -10.83 -9.77 -6.90
N MET B 192 -11.80 -8.94 -7.27
CA MET B 192 -13.18 -9.46 -7.49
C MET B 192 -13.19 -10.46 -8.65
N GLY B 193 -12.50 -10.14 -9.73
CA GLY B 193 -12.36 -11.03 -10.90
C GLY B 193 -11.70 -12.34 -10.53
N GLN B 194 -10.85 -12.37 -9.51
CA GLN B 194 -10.19 -13.62 -9.06
C GLN B 194 -11.00 -14.30 -7.95
N GLY B 195 -12.19 -13.79 -7.63
CA GLY B 195 -13.08 -14.38 -6.60
C GLY B 195 -12.59 -14.19 -5.17
N ARG B 196 -11.79 -13.17 -4.84
CA ARG B 196 -11.31 -12.90 -3.46
C ARG B 196 -12.35 -12.09 -2.69
N ALA B 197 -13.33 -11.56 -3.39
CA ALA B 197 -14.38 -10.73 -2.79
C ALA B 197 -15.56 -10.71 -3.73
N THR B 198 -16.76 -10.62 -3.20
CA THR B 198 -18.02 -10.50 -3.99
C THR B 198 -18.48 -9.05 -3.97
N LYS B 199 -18.01 -8.28 -3.01
CA LYS B 199 -18.36 -6.85 -2.88
C LYS B 199 -17.09 -6.15 -2.38
N TYR B 200 -16.99 -4.85 -2.60
CA TYR B 200 -15.84 -4.04 -2.17
C TYR B 200 -16.29 -2.64 -1.80
N LEU B 201 -15.75 -2.17 -0.69
CA LEU B 201 -15.67 -0.75 -0.33
C LEU B 201 -14.35 -0.23 -0.90
N VAL B 202 -14.47 0.74 -1.80
CA VAL B 202 -13.31 1.30 -2.56
C VAL B 202 -13.35 2.80 -2.40
N GLY B 203 -12.23 3.41 -2.11
CA GLY B 203 -12.14 4.87 -2.19
C GLY B 203 -10.78 5.40 -1.81
N SER B 204 -10.74 6.65 -1.41
CA SER B 204 -9.48 7.30 -1.05
C SER B 204 -9.79 8.47 -0.15
N ALA B 205 -8.77 8.97 0.54
CA ALA B 205 -8.93 9.93 1.64
C ALA B 205 -7.64 10.69 1.88
N GLU B 206 -7.81 11.93 2.29
CA GLU B 206 -6.70 12.83 2.65
C GLU B 206 -7.21 13.71 3.77
N GLU B 207 -6.45 13.80 4.85
CA GLU B 207 -6.76 14.75 5.94
C GLU B 207 -6.13 16.09 5.59
N PHE B 208 -6.71 17.16 6.11
CA PHE B 208 -6.02 18.44 6.24
C PHE B 208 -5.13 18.38 7.48
N SER B 209 -3.88 18.79 7.35
CA SER B 209 -2.99 18.98 8.53
C SER B 209 -1.97 20.08 8.27
N ALA B 210 -1.50 20.74 9.33
CA ALA B 210 -0.39 21.70 9.23
C ALA B 210 0.82 21.01 8.56
N ALA B 211 1.16 19.79 9.00
CA ALA B 211 2.33 19.04 8.45
C ALA B 211 2.14 18.86 6.95
N HIS B 212 0.96 18.45 6.51
CA HIS B 212 0.72 18.22 5.06
C HIS B 212 0.83 19.55 4.32
N ALA B 213 0.26 20.62 4.86
CA ALA B 213 0.26 21.92 4.17
C ALA B 213 1.71 22.40 4.00
N TRP B 214 2.55 22.33 5.04
CA TRP B 214 3.99 22.73 4.93
C TRP B 214 4.76 21.79 3.99
N PHE B 215 4.57 20.48 4.04
CA PHE B 215 5.26 19.55 3.10
C PHE B 215 4.84 19.88 1.67
N GLU B 216 3.56 20.20 1.40
CA GLU B 216 3.13 20.57 0.02
C GLU B 216 3.78 21.88 -0.44
N HIS B 217 3.81 22.89 0.43
CA HIS B 217 4.48 24.19 0.18
C HIS B 217 5.96 23.95 -0.12
N THR B 218 6.64 23.04 0.58
CA THR B 218 8.07 22.73 0.38
C THR B 218 8.26 22.05 -0.97
N ALA B 219 7.39 21.08 -1.33
CA ALA B 219 7.55 20.21 -2.52
C ALA B 219 7.20 20.98 -3.81
N THR B 220 6.35 22.00 -3.76
CA THR B 220 5.82 22.66 -4.98
C THR B 220 6.95 23.43 -5.64
N ALA B 221 6.92 23.48 -6.97
CA ALA B 221 7.87 24.19 -7.86
C ALA B 221 8.18 25.54 -7.21
N SER B 222 9.47 25.86 -7.09
CA SER B 222 10.05 27.14 -6.60
C SER B 222 9.11 28.32 -6.93
N GLY B 223 8.60 29.01 -5.91
CA GLY B 223 7.81 30.25 -6.08
C GLY B 223 6.40 30.06 -6.68
N ASP B 224 5.92 28.82 -6.95
CA ASP B 224 4.47 28.55 -7.16
C ASP B 224 3.72 29.13 -5.96
N PRO B 225 2.43 29.55 -6.10
CA PRO B 225 1.70 30.12 -4.97
C PRO B 225 1.38 28.98 -3.98
N ALA B 226 1.34 29.28 -2.66
CA ALA B 226 0.95 28.31 -1.61
C ALA B 226 -0.44 27.77 -1.97
N PRO B 227 -0.59 26.45 -2.26
CA PRO B 227 -1.86 25.97 -2.82
C PRO B 227 -3.01 26.04 -1.80
N LEU B 228 -4.21 26.19 -2.33
CA LEU B 228 -5.45 26.00 -1.55
C LEU B 228 -5.65 24.49 -1.38
N LEU B 229 -5.58 23.96 -0.16
CA LEU B 229 -5.72 22.50 0.12
C LEU B 229 -7.09 22.18 0.72
N GLY B 230 -7.68 21.10 0.20
CA GLY B 230 -8.91 20.49 0.72
C GLY B 230 -8.61 19.14 1.39
N GLU B 231 -9.66 18.34 1.61
CA GLU B 231 -9.58 17.10 2.39
C GLU B 231 -10.91 16.40 2.27
N GLY B 232 -10.90 15.14 2.69
CA GLY B 232 -12.12 14.35 2.79
C GLY B 232 -11.90 12.94 2.34
N CYS B 233 -12.99 12.24 2.13
CA CYS B 233 -13.00 10.81 1.73
C CYS B 233 -14.19 10.58 0.81
N GLY B 234 -13.95 9.89 -0.30
CA GLY B 234 -15.02 9.36 -1.16
C GLY B 234 -14.94 7.86 -1.15
N LEU B 235 -16.08 7.17 -1.02
CA LEU B 235 -16.12 5.70 -1.00
C LEU B 235 -17.24 5.23 -1.93
N PHE B 236 -17.05 4.07 -2.51
CA PHE B 236 -18.01 3.42 -3.42
C PHE B 236 -18.21 2.00 -2.98
N LEU B 237 -19.41 1.52 -3.24
CA LEU B 237 -19.75 0.11 -3.05
C LEU B 237 -19.68 -0.49 -4.43
N VAL B 238 -18.89 -1.56 -4.60
CA VAL B 238 -18.64 -2.21 -5.91
C VAL B 238 -19.08 -3.66 -5.81
N GLU B 239 -19.84 -4.11 -6.82
CA GLU B 239 -20.43 -5.46 -6.86
C GLU B 239 -20.22 -6.01 -8.27
N GLN B 240 -20.39 -7.32 -8.45
CA GLN B 240 -20.40 -7.93 -9.80
C GLN B 240 -21.79 -7.70 -10.41
N ALA B 241 -21.86 -7.32 -11.69
CA ALA B 241 -23.11 -6.90 -12.37
C ALA B 241 -24.20 -7.96 -12.16
N GLU B 242 -23.86 -9.22 -12.41
CA GLU B 242 -24.78 -10.39 -12.37
C GLU B 242 -25.40 -10.53 -10.97
N ALA B 243 -24.66 -10.19 -9.89
CA ALA B 243 -24.98 -10.54 -8.49
C ALA B 243 -25.44 -9.32 -7.68
N ALA B 244 -25.49 -8.13 -8.28
CA ALA B 244 -25.77 -6.86 -7.56
C ALA B 244 -27.10 -6.93 -6.81
N GLU B 245 -27.06 -6.53 -5.54
CA GLU B 245 -28.19 -6.55 -4.57
C GLU B 245 -28.89 -5.18 -4.62
N ARG B 246 -28.55 -4.34 -5.62
CA ARG B 246 -28.98 -2.93 -5.79
C ARG B 246 -28.85 -2.55 -7.27
N PRO B 247 -29.56 -1.50 -7.75
CA PRO B 247 -29.39 -1.06 -9.13
C PRO B 247 -27.99 -0.50 -9.39
N PRO B 248 -27.28 -0.92 -10.47
CA PRO B 248 -25.99 -0.35 -10.81
C PRO B 248 -26.11 1.15 -11.15
N LEU B 249 -25.24 1.97 -10.55
CA LEU B 249 -25.12 3.39 -10.91
C LEU B 249 -24.19 3.51 -12.12
N ALA B 250 -23.15 2.68 -12.19
CA ALA B 250 -22.17 2.73 -13.29
C ALA B 250 -21.44 1.38 -13.39
N ALA B 251 -21.09 0.97 -14.60
CA ALA B 251 -20.20 -0.18 -14.87
C ALA B 251 -18.79 0.38 -15.01
N VAL B 252 -17.81 -0.31 -14.42
CA VAL B 252 -16.37 0.02 -14.61
C VAL B 252 -15.88 -0.75 -15.83
N LEU B 253 -15.76 -0.08 -16.98
CA LEU B 253 -15.44 -0.76 -18.26
C LEU B 253 -13.93 -0.95 -18.35
N SER B 254 -13.13 0.03 -17.89
CA SER B 254 -11.66 -0.10 -17.91
C SER B 254 -11.04 0.84 -16.90
N VAL B 255 -9.86 0.46 -16.43
CA VAL B 255 -8.99 1.38 -15.66
C VAL B 255 -7.62 1.14 -16.23
N GLU B 256 -6.98 2.19 -16.76
CA GLU B 256 -5.63 2.03 -17.37
C GLU B 256 -4.71 2.98 -16.64
N THR B 257 -3.46 2.58 -16.56
CA THR B 257 -2.43 3.33 -15.83
C THR B 257 -1.18 3.47 -16.71
N ARG B 258 -0.41 4.51 -16.43
CA ARG B 258 0.93 4.67 -17.01
C ARG B 258 1.79 5.32 -15.96
N VAL B 259 3.08 5.31 -16.22
CA VAL B 259 4.02 6.16 -15.49
C VAL B 259 4.60 7.14 -16.50
N ASP B 260 4.54 8.42 -16.15
CA ASP B 260 5.10 9.53 -16.95
C ASP B 260 6.62 9.54 -16.78
N ILE B 261 7.34 8.67 -17.46
CA ILE B 261 8.82 8.56 -17.29
C ILE B 261 9.56 9.68 -18.06
N ASP B 262 8.94 10.37 -19.02
CA ASP B 262 9.61 11.43 -19.86
C ASP B 262 9.21 12.83 -19.37
N ASP B 263 8.60 12.95 -18.18
CA ASP B 263 8.05 14.22 -17.66
C ASP B 263 7.30 14.94 -18.80
N ASP B 264 6.39 14.23 -19.47
CA ASP B 264 5.46 14.82 -20.44
C ASP B 264 4.05 14.40 -20.04
N PRO B 265 3.45 15.01 -18.99
CA PRO B 265 2.17 14.51 -18.49
C PRO B 265 1.01 14.55 -19.49
N GLY B 266 0.99 15.55 -20.39
CA GLY B 266 0.01 15.61 -21.49
C GLY B 266 0.04 14.38 -22.38
N ALA B 267 1.20 13.97 -22.84
CA ALA B 267 1.36 12.76 -23.69
C ALA B 267 0.97 11.51 -22.88
N ALA B 268 1.38 11.46 -21.61
CA ALA B 268 1.10 10.28 -20.74
C ALA B 268 -0.41 10.16 -20.53
N VAL B 269 -1.09 11.29 -20.32
CA VAL B 269 -2.58 11.33 -20.13
C VAL B 269 -3.23 10.86 -21.42
N THR B 270 -2.80 11.42 -22.56
CA THR B 270 -3.38 11.09 -23.89
C THR B 270 -3.25 9.58 -24.13
N ALA B 271 -2.07 9.02 -23.93
CA ALA B 271 -1.78 7.61 -24.23
C ALA B 271 -2.63 6.74 -23.29
N CYS B 272 -2.72 7.13 -22.03
CA CYS B 272 -3.47 6.36 -21.00
C CYS B 272 -4.97 6.36 -21.35
N ALA B 273 -5.52 7.53 -21.72
CA ALA B 273 -6.95 7.71 -22.02
C ALA B 273 -7.28 6.94 -23.30
N ARG B 274 -6.40 6.97 -24.31
CA ARG B 274 -6.68 6.27 -25.58
C ARG B 274 -6.73 4.78 -25.31
N ARG B 275 -5.80 4.27 -24.49
CA ARG B 275 -5.82 2.82 -24.15
C ARG B 275 -7.08 2.48 -23.35
N ALA B 276 -7.46 3.28 -22.36
CA ALA B 276 -8.64 3.03 -21.51
C ALA B 276 -9.87 2.97 -22.42
N LEU B 277 -10.01 3.89 -23.37
CA LEU B 277 -11.19 3.91 -24.29
C LEU B 277 -11.15 2.66 -25.18
N ARG B 278 -9.99 2.31 -25.73
CA ARG B 278 -9.85 1.11 -26.59
C ARG B 278 -10.25 -0.13 -25.77
N ARG B 279 -9.75 -0.27 -24.56
CA ARG B 279 -10.05 -1.46 -23.73
C ARG B 279 -11.54 -1.48 -23.38
N ALA B 280 -12.20 -0.32 -23.23
CA ALA B 280 -13.64 -0.22 -22.94
C ALA B 280 -14.48 -0.58 -24.16
N GLY B 281 -13.90 -0.55 -25.36
CA GLY B 281 -14.59 -0.77 -26.64
C GLY B 281 -15.39 0.45 -27.10
N VAL B 282 -14.93 1.66 -26.77
CA VAL B 282 -15.67 2.93 -27.09
C VAL B 282 -14.76 3.95 -27.79
N ASP B 283 -15.36 4.79 -28.62
CA ASP B 283 -14.72 5.91 -29.33
C ASP B 283 -14.68 7.11 -28.36
N ALA B 284 -13.62 7.93 -28.44
CA ALA B 284 -13.49 9.20 -27.68
C ALA B 284 -14.73 10.07 -27.91
N GLY B 285 -15.31 10.03 -29.10
CA GLY B 285 -16.51 10.83 -29.42
C GLY B 285 -17.73 10.42 -28.64
N GLU B 286 -17.71 9.24 -27.99
CA GLU B 286 -18.86 8.75 -27.16
C GLU B 286 -18.82 9.33 -25.75
N VAL B 287 -17.70 9.92 -25.35
CA VAL B 287 -17.49 10.39 -23.96
C VAL B 287 -18.47 11.55 -23.68
N TRP B 288 -19.33 11.34 -22.69
CA TRP B 288 -20.44 12.24 -22.30
C TRP B 288 -19.96 13.17 -21.21
N ALA B 289 -19.14 12.65 -20.25
CA ALA B 289 -18.56 13.46 -19.17
C ALA B 289 -17.12 13.04 -18.97
N ALA B 290 -16.24 14.03 -18.86
CA ALA B 290 -14.79 13.83 -18.64
C ALA B 290 -14.38 14.71 -17.48
N VAL B 291 -13.83 14.11 -16.44
CA VAL B 291 -13.43 14.87 -15.22
C VAL B 291 -11.96 14.62 -14.93
N PRO B 292 -11.09 15.62 -15.17
CA PRO B 292 -9.68 15.51 -14.85
C PRO B 292 -9.46 15.98 -13.41
N CYS B 293 -8.27 15.72 -12.88
CA CYS B 293 -8.02 15.93 -11.44
C CYS B 293 -7.77 17.41 -11.15
N ALA B 294 -7.33 18.18 -12.14
CA ALA B 294 -7.23 19.66 -12.04
C ALA B 294 -6.23 20.00 -10.91
N ALA B 295 -5.16 19.21 -10.80
CA ALA B 295 -4.00 19.54 -9.95
C ALA B 295 -3.61 20.98 -10.25
N PRO B 296 -3.35 21.83 -9.22
CA PRO B 296 -2.99 23.24 -9.44
C PRO B 296 -1.50 23.38 -9.82
N THR B 297 -1.12 22.78 -10.94
CA THR B 297 0.27 22.56 -11.39
C THR B 297 0.32 22.60 -12.92
N ALA B 298 1.52 22.68 -13.48
CA ALA B 298 1.77 22.57 -14.93
C ALA B 298 1.29 21.20 -15.42
N ALA B 299 1.45 20.14 -14.61
CA ALA B 299 1.00 18.76 -14.95
C ALA B 299 -0.54 18.72 -15.03
N GLY B 300 -1.20 19.40 -14.12
CA GLY B 300 -2.66 19.57 -14.08
C GLY B 300 -3.20 20.30 -15.30
N ARG B 301 -2.57 21.40 -15.68
CA ARG B 301 -2.96 22.19 -16.89
C ARG B 301 -2.71 21.33 -18.15
N ALA B 302 -1.61 20.59 -18.20
CA ALA B 302 -1.24 19.69 -19.32
C ALA B 302 -2.27 18.57 -19.45
N GLU B 303 -2.75 18.07 -18.31
CA GLU B 303 -3.79 17.03 -18.28
C GLU B 303 -5.07 17.60 -18.90
N HIS B 304 -5.46 18.80 -18.46
CA HIS B 304 -6.66 19.50 -18.95
C HIS B 304 -6.57 19.68 -20.47
N GLU B 305 -5.44 20.18 -20.96
CA GLU B 305 -5.28 20.45 -22.40
C GLU B 305 -5.30 19.13 -23.18
N ALA B 306 -4.70 18.04 -22.66
CA ALA B 306 -4.74 16.72 -23.32
C ALA B 306 -6.20 16.31 -23.49
N LEU B 307 -7.01 16.40 -22.43
CA LEU B 307 -8.41 15.97 -22.49
C LEU B 307 -9.17 16.88 -23.43
N ALA B 308 -8.88 18.19 -23.43
CA ALA B 308 -9.63 19.19 -24.21
C ALA B 308 -9.51 18.93 -25.71
N ALA B 309 -8.43 18.24 -26.12
CA ALA B 309 -8.16 17.79 -27.51
C ALA B 309 -8.77 16.41 -27.79
N LEU B 310 -8.92 15.56 -26.77
CA LEU B 310 -9.20 14.11 -26.97
C LEU B 310 -10.70 13.79 -26.99
N VAL B 311 -11.47 14.41 -26.10
CA VAL B 311 -12.90 14.09 -25.86
C VAL B 311 -13.71 15.27 -26.36
N PRO B 312 -15.03 15.11 -26.59
CA PRO B 312 -15.88 16.24 -26.96
C PRO B 312 -15.81 17.38 -25.96
N ALA B 313 -15.73 18.62 -26.43
CA ALA B 313 -15.68 19.77 -25.49
C ALA B 313 -16.87 19.69 -24.52
N ASP B 314 -18.07 19.28 -24.98
CA ASP B 314 -19.27 19.19 -24.09
C ASP B 314 -19.01 18.20 -22.94
N ALA B 315 -18.11 17.23 -23.08
CA ALA B 315 -17.82 16.28 -21.99
C ALA B 315 -17.12 17.00 -20.84
N LEU B 316 -16.24 17.96 -21.12
CA LEU B 316 -15.48 18.72 -20.08
C LEU B 316 -16.36 19.71 -19.33
N SER B 317 -17.47 20.17 -19.91
CA SER B 317 -18.34 21.16 -19.22
C SER B 317 -19.58 20.44 -18.64
N ARG B 318 -19.69 19.12 -18.81
CA ARG B 318 -20.87 18.34 -18.37
C ARG B 318 -20.94 18.38 -16.84
N VAL B 319 -19.78 18.32 -16.19
CA VAL B 319 -19.70 18.19 -14.71
C VAL B 319 -19.09 19.47 -14.18
N PRO B 320 -19.79 20.17 -13.27
CA PRO B 320 -19.25 21.38 -12.68
C PRO B 320 -17.84 21.10 -12.16
N SER B 321 -17.02 22.12 -12.25
CA SER B 321 -15.62 22.14 -11.76
C SER B 321 -15.60 21.89 -10.25
N MET B 322 -14.52 21.26 -9.80
CA MET B 322 -14.21 20.83 -8.42
C MET B 322 -13.24 21.84 -7.77
N GLU B 323 -12.75 22.80 -8.57
CA GLU B 323 -11.60 23.67 -8.24
C GLU B 323 -11.84 24.33 -6.88
N LEU B 324 -13.09 24.65 -6.48
CA LEU B 324 -13.38 25.37 -5.19
C LEU B 324 -13.33 24.40 -4.00
N LEU B 325 -13.09 23.11 -4.21
CA LEU B 325 -12.72 22.16 -3.11
C LEU B 325 -11.22 22.30 -2.79
N GLY B 326 -10.47 22.99 -3.65
CA GLY B 326 -9.01 23.09 -3.50
C GLY B 326 -8.32 21.79 -3.89
N ASP B 327 -7.05 21.62 -3.52
CA ASP B 327 -6.31 20.38 -3.83
C ASP B 327 -6.64 19.34 -2.74
N THR B 328 -7.35 18.26 -3.09
CA THR B 328 -7.90 17.25 -2.15
C THR B 328 -7.00 16.02 -2.14
N GLY B 329 -5.82 16.14 -2.73
CA GLY B 329 -4.77 15.11 -2.58
C GLY B 329 -5.30 13.73 -2.97
N ALA B 330 -5.16 12.74 -2.10
CA ALA B 330 -5.58 11.36 -2.43
C ALA B 330 -7.10 11.27 -2.60
N ALA B 331 -7.90 12.19 -2.06
CA ALA B 331 -9.36 12.12 -2.25
C ALA B 331 -9.75 12.41 -3.71
N SER B 332 -8.90 13.08 -4.49
CA SER B 332 -9.15 13.62 -5.86
C SER B 332 -10.01 12.69 -6.71
N ALA B 333 -9.48 11.54 -7.10
CA ALA B 333 -10.13 10.68 -8.11
C ALA B 333 -11.46 10.14 -7.56
N SER B 334 -11.56 9.93 -6.24
CA SER B 334 -12.82 9.48 -5.62
C SER B 334 -13.84 10.60 -5.73
N PHE B 335 -13.46 11.83 -5.42
CA PHE B 335 -14.38 13.00 -5.58
C PHE B 335 -14.79 13.14 -7.04
N GLN B 336 -13.86 12.87 -7.97
CA GLN B 336 -14.15 12.97 -9.42
C GLN B 336 -15.20 11.94 -9.82
N ILE B 337 -15.05 10.68 -9.38
CA ILE B 337 -16.09 9.64 -9.65
C ILE B 337 -17.41 10.06 -9.01
N ALA B 338 -17.38 10.53 -7.75
CA ALA B 338 -18.59 10.99 -7.05
C ALA B 338 -19.26 12.11 -7.87
N ALA B 339 -18.52 13.09 -8.39
CA ALA B 339 -19.10 14.21 -9.18
C ALA B 339 -19.81 13.62 -10.42
N VAL B 340 -19.18 12.66 -11.08
CA VAL B 340 -19.77 11.96 -12.26
C VAL B 340 -21.08 11.29 -11.85
N LEU B 341 -21.11 10.55 -10.74
CA LEU B 341 -22.34 9.81 -10.31
C LEU B 341 -23.45 10.81 -9.93
N ALA B 342 -23.10 11.91 -9.28
CA ALA B 342 -24.03 13.01 -8.93
C ALA B 342 -24.56 13.65 -10.22
N ALA B 343 -23.71 13.94 -11.20
CA ALA B 343 -24.19 14.48 -12.48
C ALA B 343 -25.14 13.47 -13.13
N ALA B 344 -24.77 12.18 -13.17
CA ALA B 344 -25.54 11.12 -13.88
C ALA B 344 -26.94 11.03 -13.28
N GLU B 345 -26.99 11.00 -11.95
CA GLU B 345 -28.23 10.91 -11.16
C GLU B 345 -29.16 12.09 -11.53
N ALA B 346 -28.61 13.29 -11.73
CA ALA B 346 -29.39 14.52 -11.96
C ALA B 346 -29.86 14.58 -13.42
N ASP B 347 -29.33 13.72 -14.30
CA ASP B 347 -29.62 13.81 -15.76
C ASP B 347 -30.01 12.43 -16.32
N ALA B 348 -31.31 12.23 -16.57
CA ALA B 348 -31.88 10.97 -17.09
C ALA B 348 -31.16 10.57 -18.37
N ASP B 349 -30.74 11.56 -19.14
CA ASP B 349 -30.07 11.37 -20.45
C ASP B 349 -28.68 10.71 -20.26
N SER B 350 -28.19 10.57 -19.02
CA SER B 350 -26.86 9.96 -18.74
C SER B 350 -26.91 8.45 -18.96
N ARG B 351 -28.09 7.86 -18.93
CA ARG B 351 -28.29 6.40 -18.99
C ARG B 351 -27.59 5.83 -20.24
N GLY B 352 -26.70 4.85 -20.05
CA GLY B 352 -25.93 4.20 -21.14
C GLY B 352 -24.81 5.03 -21.72
N ARG B 353 -24.56 6.23 -21.21
CA ARG B 353 -23.49 7.12 -21.74
C ARG B 353 -22.14 6.77 -21.09
N ILE B 354 -21.06 7.24 -21.69
CA ILE B 354 -19.68 7.03 -21.18
C ILE B 354 -19.18 8.23 -20.37
N ALA B 355 -18.54 7.94 -19.23
CA ALA B 355 -17.81 8.95 -18.44
C ALA B 355 -16.34 8.52 -18.34
N LEU B 356 -15.47 9.50 -18.31
CA LEU B 356 -14.03 9.27 -18.20
C LEU B 356 -13.55 10.11 -17.02
N VAL B 357 -12.75 9.47 -16.17
CA VAL B 357 -12.15 10.16 -15.01
C VAL B 357 -10.66 9.96 -15.15
N CYS B 358 -9.87 11.01 -14.97
CA CYS B 358 -8.42 10.78 -15.00
C CYS B 358 -7.71 11.64 -14.00
N ALA B 359 -6.51 11.23 -13.64
CA ALA B 359 -5.71 11.98 -12.66
C ALA B 359 -4.25 11.79 -12.95
N VAL B 360 -3.48 12.77 -12.52
CA VAL B 360 -1.99 12.68 -12.66
C VAL B 360 -1.40 12.99 -11.29
N ASP B 361 -0.48 12.17 -10.83
CA ASP B 361 0.12 12.37 -9.49
C ASP B 361 1.56 12.90 -9.69
N ARG B 362 1.99 13.78 -8.80
CA ARG B 362 3.34 14.38 -8.82
C ARG B 362 4.41 13.28 -8.89
N ASP B 363 4.17 12.08 -8.36
CA ASP B 363 5.21 11.02 -8.33
C ASP B 363 5.27 10.24 -9.66
N GLY B 364 4.45 10.60 -10.66
CA GLY B 364 4.59 10.12 -12.05
C GLY B 364 3.44 9.26 -12.53
N ALA B 365 2.62 8.72 -11.65
CA ALA B 365 1.55 7.79 -12.08
C ALA B 365 0.45 8.61 -12.74
N VAL B 366 -0.15 8.00 -13.75
CA VAL B 366 -1.32 8.56 -14.49
C VAL B 366 -2.35 7.47 -14.55
N ALA B 367 -3.64 7.79 -14.39
CA ALA B 367 -4.66 6.74 -14.38
C ALA B 367 -5.92 7.28 -15.01
N VAL B 368 -6.58 6.42 -15.78
CA VAL B 368 -7.86 6.79 -16.43
C VAL B 368 -8.85 5.67 -16.22
N ALA B 369 -10.05 6.02 -15.75
CA ALA B 369 -11.15 5.05 -15.68
C ALA B 369 -12.23 5.44 -16.69
N VAL B 370 -12.79 4.43 -17.34
CA VAL B 370 -13.95 4.60 -18.27
C VAL B 370 -15.14 3.90 -17.66
N LEU B 371 -16.24 4.64 -17.44
CA LEU B 371 -17.46 4.10 -16.82
C LEU B 371 -18.58 4.12 -17.87
N ARG B 372 -19.45 3.11 -17.84
CA ARG B 372 -20.80 3.24 -18.47
C ARG B 372 -21.79 3.61 -17.35
N LEU B 373 -22.38 4.79 -17.47
CA LEU B 373 -23.45 5.22 -16.55
C LEU B 373 -24.70 4.40 -16.81
N ILE B 374 -25.36 3.98 -15.75
CA ILE B 374 -26.62 3.20 -15.82
C ILE B 374 -27.67 3.96 -15.01
N GLY B 375 -27.83 3.66 -13.72
CA GLY B 375 -28.77 4.35 -12.81
C GLY B 375 -30.22 3.88 -13.04
#